data_9NL4
#
_entry.id   9NL4
#
_cell.length_a   1.00
_cell.length_b   1.00
_cell.length_c   1.00
_cell.angle_alpha   90.00
_cell.angle_beta   90.00
_cell.angle_gamma   90.00
#
_symmetry.space_group_name_H-M   'P 1'
#
loop_
_entity.id
_entity.type
_entity.pdbx_description
1 polymer 'R2 retrotransposon protein'
2 polymer 'Bottom strand of target rDNA'
3 polymer 'complementary DNA'
4 polymer "3'UTR RNA"
5 polymer 'Top strand for target rDNA'
6 non-polymer 'ZINC ION'
#
loop_
_entity_poly.entity_id
_entity_poly.type
_entity_poly.pdbx_seq_one_letter_code
_entity_poly.pdbx_strand_id
1 'polypeptide(L)'
;QKTIIQLPNDNPACPFCGDHVGKPSALNVHLKRNHGGREVEFQCSMCNKADPKAHSILCHIPKCKGKVTEEPTGDWACET
CNKQFNTKSGLSQHKRIAHPAIRNQERIAASQPKPNSQRGKHNSCWTVEEEQLLAAFNNMFWGKKNINILISDHIHMKTA
KQISEKRRLLGLNKNATVTTTNPLPVSSTCHLKIRTDSPNTTTGLKDTYMCKINENIVNQGQIKFDSEVISAWMAGDSNI
RSLVESTSLDILSTFLMETPKPRKKGNNKITNKKSGKKKKWMEKRAVKKGFYKRYQHLFETDRCKLASIILDGTERLQCQ
IPLTEILETYKSKWETLTPFEGLGQFKSHAVADNTAFEILLSAKEIMKNIKEMNKNSAPGPDKVSLRDLLLADPECNALE
KLFNTWLITGIIPNSIKECRSLLIPKTADPEALKELGNWRPLTIGSIVLRLFSRIITNRLAKACPINARQRGFIATPGCS
ENLKILHTIVKQAKTSKKSLGVVFVDIAKAFDSVSHDHIMWVLQERGLDQHIVNIIEDSYKKIHTRMEVGTERTPPIEIK
VGVKQGDPMSPLLFNLAIDPLITALEKANTGFSYGKNKITSLAFADDLVMLSDTWEGMNKNIQILETFCNLSGLKVQAKK
CYGFFLSPTHDSYTINKCDAWKIDKDSLNMIQPGESEKYLGLKVDPWIGFSKPVLAEKLTIWLKRLTEAPLKPSQKLTML
NIYTIPRIIYLADHTDTKKTLLSSLDDNIRTVVKGWLHLPPDTCNGFIYTKTRDGGLGVTRLASLIPSIQARRLHRIATS
EDETIRNIAMANNIEEEFQNLWVTAGGKKEEIPRITDPVSIDYRLPRRILELLNEWEKPAPKKMYPIPCNWREAEMAHWK
NLPCQGSGIEHFDNDTISNDWLQFHRGFSERQFLMGLKIRANVYPTREYQGRGRTNKNVNCRNCTASYESLSHILGQCPA
VQGARIRRHNKLCSMLKREAKELKWVVYEEPHLHTTEKELRKPDLIFVKEEMALVVDVTVRFEYKEKVFEDAAAEKVRHY
KDLTSQIKELTGAKEIEYFGFPLGARGKWPEINEKVLTALGMPDYQQKRTAKRFSKRTLLYSIDVINTFENIGKNNKNNV
P
;
A
2 'polydeoxyribonucleotide'
;(DT)(DT)(DA)(DG)(DA)(DT)(DG)(DA)(DC)(DG)(DA)(DG)(DG)(DC)(DA)(DT)(DT)(DT)(DG)(DG)
(DC)(DT)(DA)(DC)(DC)(DT)(DT)(DA)(DA)(DG)(DA)(DG)(DA)(DG)(DT)(DC)(DA)(DT)(DA)(DG)
(DT)(DT)(DA)(DC)(DT)(DC)(DC)(DC)(DG)(DC)(DC)(DG)(DT)(DT)(DT)(DA)(DC)(DC)(DC)(DG)
(DC)(DG)(DC)(DT)(DT)(DC)(DA)(DC)(DA)(DG)
;
B
3 'polydeoxyribonucleotide'
;(DG)(DG)(DC)(DT)(DA)(DT)(DT)(DT)(DT)(DC)(DC)(DG)(DA)(DA)(DC)(DA)(DC)(DA)(DT)(DA)
(DT)(DA)(DA)(DT)(DT)(DA)(DA)(DT)(DA)(DT)(DA)(DT)(DG)(DT)(DT)(DC)(DC)(DT)(DT)(DT)
(DT)(DC)(DC)(DG)(DG)(DG)(DT)(DT)(DA)(DA)(DG)(DT)(DA)(DA)(DA)(DG)(DG)(DT)(DG)(DG)
(DC)(DC)(DC)(DG)(DT)(DC)(DC)(DA)(DC)(DC)(DT)(DT)(DG)(DC)
;
P
4 'polyribonucleotide' GCAAGGUGGACGGGCCACCUUUACUUAACCCGGAAAAGGAACAUAUAUUAAUUAUAUGUGUUCGGAAAAUAGCC R
5 'polydeoxyribonucleotide'
;(DC)(DT)(DG)(DT)(DG)(DA)(DA)(DG)(DC)(DG)(DC)(DG)(DG)(DG)(DT)(DA)(DA)(DA)(DC)(DG)
(DG)(DC)(DG)(DG)(DG)(DA)(DG)(DT)(DA)(DA)(DC)(DT)(DA)(DT)(DG)(DA)(DC)(DT)(DC)(DT)
(DC)(DT)(DT)(DA)(DA)(DG)(DG)(DT)(DA)(DG)(DC)(DC)(DA)(DA)(DA)(DT)(DG)(DC)(DC)(DT)
(DC)(DG)(DT)(DC)(DA)(DT)(DC)(DT)(DA)(DA)
;
T
#
loop_
_chem_comp.id
_chem_comp.type
_chem_comp.name
_chem_comp.formula
A RNA linking ADENOSINE-5'-MONOPHOSPHATE 'C10 H14 N5 O7 P'
C RNA linking CYTIDINE-5'-MONOPHOSPHATE 'C9 H14 N3 O8 P'
DA DNA linking 2'-DEOXYADENOSINE-5'-MONOPHOSPHATE 'C10 H14 N5 O6 P'
DC DNA linking 2'-DEOXYCYTIDINE-5'-MONOPHOSPHATE 'C9 H14 N3 O7 P'
DG DNA linking 2'-DEOXYGUANOSINE-5'-MONOPHOSPHATE 'C10 H14 N5 O7 P'
DT DNA linking THYMIDINE-5'-MONOPHOSPHATE 'C10 H15 N2 O8 P'
G RNA linking GUANOSINE-5'-MONOPHOSPHATE 'C10 H14 N5 O8 P'
U RNA linking URIDINE-5'-MONOPHOSPHATE 'C9 H13 N2 O9 P'
ZN non-polymer 'ZINC ION' 'Zn 2'
#
# COMPACT_ATOMS: atom_id res chain seq x y z
N GLN A 1 -19.96 28.21 -19.48
CA GLN A 1 -19.21 29.20 -18.66
C GLN A 1 -19.62 29.14 -17.21
N LYS A 2 -18.65 29.41 -16.33
CA LYS A 2 -18.92 29.47 -14.90
C LYS A 2 -19.74 30.74 -14.62
N THR A 3 -21.06 30.62 -14.66
CA THR A 3 -21.94 31.77 -14.49
C THR A 3 -21.45 32.66 -13.37
N ILE A 4 -21.21 33.93 -13.69
CA ILE A 4 -20.62 34.85 -12.73
C ILE A 4 -21.68 35.29 -11.75
N ILE A 5 -21.54 34.88 -10.49
CA ILE A 5 -22.47 35.29 -9.45
C ILE A 5 -21.73 36.27 -8.54
N GLN A 6 -21.81 37.55 -8.88
CA GLN A 6 -21.08 38.59 -8.18
C GLN A 6 -21.71 38.88 -6.82
N LEU A 7 -21.31 38.13 -5.81
CA LEU A 7 -21.87 38.34 -4.48
C LEU A 7 -21.52 39.74 -4.00
N PRO A 8 -22.39 40.40 -3.23
CA PRO A 8 -23.65 39.90 -2.68
C PRO A 8 -24.72 39.75 -3.75
N ASN A 9 -25.56 38.71 -3.64
CA ASN A 9 -26.62 38.53 -4.62
C ASN A 9 -27.93 38.08 -4.00
N ASP A 10 -28.13 38.30 -2.69
CA ASP A 10 -29.35 37.95 -1.95
C ASP A 10 -30.05 36.73 -2.53
N ASN A 11 -31.31 36.87 -2.94
CA ASN A 11 -31.98 35.82 -3.70
C ASN A 11 -31.91 36.16 -5.17
N PRO A 12 -31.00 35.58 -5.94
CA PRO A 12 -30.98 35.86 -7.38
C PRO A 12 -31.81 34.85 -8.15
N ALA A 13 -32.11 35.15 -9.42
CA ALA A 13 -32.83 34.23 -10.29
C ALA A 13 -31.84 33.26 -10.91
N CYS A 14 -31.95 31.98 -10.54
CA CYS A 14 -31.01 30.99 -11.02
C CYS A 14 -30.96 31.01 -12.54
N PRO A 15 -29.88 31.50 -13.14
CA PRO A 15 -29.88 31.70 -14.59
C PRO A 15 -30.15 30.44 -15.38
N PHE A 16 -29.83 29.28 -14.85
CA PHE A 16 -30.15 28.05 -15.55
C PHE A 16 -31.61 27.88 -15.76
N CYS A 17 -32.40 28.55 -14.92
CA CYS A 17 -33.84 28.60 -15.10
C CYS A 17 -34.38 30.01 -14.86
N GLY A 18 -33.52 30.92 -14.42
CA GLY A 18 -33.98 32.24 -14.03
C GLY A 18 -34.94 32.23 -12.87
N ASP A 19 -34.82 31.28 -11.95
CA ASP A 19 -35.76 31.14 -10.85
C ASP A 19 -35.15 31.72 -9.58
N HIS A 20 -35.90 32.61 -8.93
CA HIS A 20 -35.49 33.16 -7.64
C HIS A 20 -35.67 32.12 -6.55
N VAL A 21 -34.60 31.39 -6.25
CA VAL A 21 -34.67 30.30 -5.28
C VAL A 21 -34.53 30.87 -3.88
N GLY A 22 -33.45 31.61 -3.64
CA GLY A 22 -33.24 32.18 -2.31
C GLY A 22 -31.80 32.57 -2.10
N LYS A 23 -31.41 32.59 -0.83
CA LYS A 23 -30.05 32.97 -0.44
C LYS A 23 -29.04 32.20 -1.28
N PRO A 24 -27.83 32.72 -1.42
CA PRO A 24 -26.84 32.07 -2.28
C PRO A 24 -26.73 30.59 -1.98
N SER A 25 -26.86 30.22 -0.69
CA SER A 25 -26.91 28.81 -0.35
C SER A 25 -28.09 28.14 -1.02
N ALA A 26 -29.23 28.84 -1.08
CA ALA A 26 -30.38 28.30 -1.78
C ALA A 26 -30.10 28.16 -3.27
N LEU A 27 -29.41 29.14 -3.84
CA LEU A 27 -29.00 29.03 -5.24
C LEU A 27 -28.13 27.80 -5.45
N ASN A 28 -27.21 27.56 -4.51
CA ASN A 28 -26.43 26.33 -4.56
C ASN A 28 -27.36 25.13 -4.60
N VAL A 29 -28.18 24.98 -3.57
CA VAL A 29 -29.13 23.88 -3.50
C VAL A 29 -29.77 23.66 -4.87
N HIS A 30 -30.28 24.73 -5.45
CA HIS A 30 -30.87 24.67 -6.78
C HIS A 30 -29.94 24.00 -7.79
N LEU A 31 -28.79 24.62 -8.02
CA LEU A 31 -27.92 24.17 -9.10
C LEU A 31 -27.44 22.75 -8.82
N LYS A 32 -27.12 22.47 -7.56
CA LYS A 32 -26.64 21.16 -7.14
C LYS A 32 -27.67 20.09 -7.48
N ARG A 33 -28.92 20.32 -7.08
CA ARG A 33 -29.93 19.27 -7.22
C ARG A 33 -30.45 19.20 -8.64
N ASN A 34 -31.11 20.26 -9.11
CA ASN A 34 -31.81 20.14 -10.39
C ASN A 34 -30.92 20.58 -11.54
N HIS A 35 -30.41 21.80 -11.49
CA HIS A 35 -29.65 22.36 -12.60
C HIS A 35 -28.15 22.25 -12.33
N GLY A 36 -27.70 21.00 -12.22
CA GLY A 36 -26.29 20.74 -12.10
C GLY A 36 -25.62 20.63 -13.46
N GLY A 37 -24.35 20.23 -13.43
CA GLY A 37 -23.60 20.06 -14.66
C GLY A 37 -23.17 21.39 -15.24
N ARG A 38 -24.12 22.30 -15.42
CA ARG A 38 -23.81 23.62 -15.96
C ARG A 38 -22.80 24.35 -15.09
N GLU A 39 -21.93 25.11 -15.75
CA GLU A 39 -20.83 25.78 -15.06
C GLU A 39 -21.32 27.01 -14.31
N VAL A 40 -20.77 27.21 -13.12
CA VAL A 40 -21.18 28.31 -12.25
C VAL A 40 -20.06 28.58 -11.26
N GLU A 41 -19.70 29.84 -11.12
CA GLU A 41 -18.70 30.26 -10.14
C GLU A 41 -19.17 31.55 -9.48
N PHE A 42 -19.24 31.54 -8.16
CA PHE A 42 -19.55 32.75 -7.43
C PHE A 42 -18.39 33.73 -7.55
N GLN A 43 -18.69 34.99 -7.83
CA GLN A 43 -17.69 36.03 -8.04
C GLN A 43 -17.66 36.98 -6.86
N CYS A 44 -16.45 37.48 -6.55
CA CYS A 44 -16.26 38.45 -5.48
C CYS A 44 -16.18 39.86 -6.09
N SER A 45 -17.38 40.42 -6.33
CA SER A 45 -17.53 41.62 -7.13
C SER A 45 -16.39 42.59 -6.86
N MET A 46 -16.15 42.91 -5.59
CA MET A 46 -15.15 43.92 -5.27
C MET A 46 -13.80 43.59 -5.89
N CYS A 47 -13.19 42.46 -5.50
CA CYS A 47 -11.98 41.98 -6.17
C CYS A 47 -12.31 41.12 -7.38
N ASN A 48 -13.59 40.87 -7.66
CA ASN A 48 -14.02 40.03 -8.77
C ASN A 48 -13.44 38.62 -8.69
N LYS A 49 -12.84 38.26 -7.56
CA LYS A 49 -12.34 36.90 -7.41
C LYS A 49 -13.54 35.96 -7.49
N ALA A 50 -13.37 34.83 -8.16
CA ALA A 50 -14.45 33.88 -8.33
C ALA A 50 -14.10 32.55 -7.69
N ASP A 51 -15.12 31.86 -7.19
CA ASP A 51 -14.93 30.56 -6.54
C ASP A 51 -16.22 29.75 -6.68
N PRO A 52 -16.14 28.48 -7.09
CA PRO A 52 -17.34 27.63 -7.04
C PRO A 52 -17.89 27.42 -5.63
N LYS A 53 -17.16 27.83 -4.60
CA LYS A 53 -17.60 27.69 -3.22
C LYS A 53 -18.17 29.01 -2.76
N ALA A 54 -19.49 29.06 -2.59
CA ALA A 54 -20.14 30.28 -2.11
C ALA A 54 -19.52 30.73 -0.79
N HIS A 55 -19.46 29.81 0.17
CA HIS A 55 -18.87 30.08 1.47
C HIS A 55 -17.61 30.93 1.35
N SER A 56 -16.71 30.56 0.45
CA SER A 56 -15.46 31.29 0.29
C SER A 56 -15.72 32.74 -0.12
N ILE A 57 -16.65 32.95 -1.03
CA ILE A 57 -16.94 34.32 -1.46
C ILE A 57 -17.54 35.10 -0.31
N LEU A 58 -18.41 34.46 0.46
CA LEU A 58 -18.92 35.07 1.67
C LEU A 58 -17.77 35.45 2.58
N CYS A 59 -16.68 34.70 2.52
CA CYS A 59 -15.55 34.97 3.40
C CYS A 59 -14.75 36.18 2.95
N HIS A 60 -14.44 36.30 1.65
CA HIS A 60 -14.23 37.64 1.10
C HIS A 60 -15.13 38.68 1.75
N ILE A 61 -16.45 38.53 1.60
CA ILE A 61 -17.35 39.66 1.76
C ILE A 61 -16.87 40.58 2.89
N PRO A 62 -16.65 40.09 4.12
CA PRO A 62 -15.97 40.95 5.09
C PRO A 62 -14.49 41.12 4.78
N LYS A 63 -13.81 40.00 4.60
CA LYS A 63 -12.36 39.99 4.51
C LYS A 63 -11.89 40.88 3.36
N CYS A 64 -12.46 40.69 2.18
CA CYS A 64 -11.97 41.31 0.96
C CYS A 64 -11.86 42.83 1.07
N LYS A 65 -10.69 43.35 0.70
CA LYS A 65 -10.29 44.74 0.90
C LYS A 65 -10.35 45.53 -0.40
N GLY A 66 -11.38 45.32 -1.20
CA GLY A 66 -11.54 46.05 -2.44
C GLY A 66 -11.12 45.26 -3.65
N LYS A 67 -10.54 45.98 -4.62
CA LYS A 67 -9.99 45.38 -5.82
C LYS A 67 -8.51 45.03 -5.61
N VAL A 68 -8.29 43.90 -4.96
CA VAL A 68 -6.94 43.46 -4.64
C VAL A 68 -6.41 42.66 -5.82
N THR A 69 -5.92 43.37 -6.85
CA THR A 69 -5.39 42.71 -8.03
C THR A 69 -4.08 43.34 -8.48
N GLU A 70 -3.87 44.60 -8.11
CA GLU A 70 -2.67 45.32 -8.51
C GLU A 70 -1.41 44.56 -8.12
N GLU A 71 -0.47 44.47 -9.08
CA GLU A 71 0.75 43.69 -8.93
C GLU A 71 1.91 44.60 -8.56
N PRO A 72 2.71 44.28 -7.54
CA PRO A 72 3.80 45.19 -7.16
C PRO A 72 4.82 45.36 -8.27
N THR A 73 5.43 46.54 -8.30
CA THR A 73 6.42 46.88 -9.32
C THR A 73 7.84 46.54 -8.88
N GLY A 74 8.82 47.00 -9.63
CA GLY A 74 10.22 46.71 -9.36
C GLY A 74 11.05 46.96 -10.60
N ASP A 75 12.28 46.46 -10.63
CA ASP A 75 13.12 46.58 -11.81
C ASP A 75 13.89 45.29 -12.14
N TRP A 76 13.29 44.13 -11.86
CA TRP A 76 13.80 42.83 -12.32
C TRP A 76 12.56 41.97 -12.60
N ALA A 77 12.13 41.95 -13.86
CA ALA A 77 11.02 41.10 -14.27
C ALA A 77 11.56 39.78 -14.83
N CYS A 78 11.30 38.69 -14.12
CA CYS A 78 11.92 37.42 -14.49
C CYS A 78 11.48 37.02 -15.88
N GLU A 79 12.47 36.80 -16.75
CA GLU A 79 12.28 36.77 -18.19
C GLU A 79 11.00 36.05 -18.61
N THR A 80 10.88 34.78 -18.22
CA THR A 80 9.79 33.94 -18.70
C THR A 80 8.43 34.54 -18.45
N CYS A 81 8.05 34.70 -17.18
CA CYS A 81 6.76 35.30 -16.86
C CYS A 81 6.89 36.77 -16.45
N ASN A 82 8.08 37.36 -16.60
CA ASN A 82 8.26 38.79 -16.42
C ASN A 82 7.76 39.26 -15.06
N LYS A 83 7.93 38.42 -14.05
CA LYS A 83 7.51 38.79 -12.71
C LYS A 83 8.44 39.87 -12.15
N GLN A 84 7.97 41.12 -12.13
CA GLN A 84 8.82 42.21 -11.66
C GLN A 84 9.22 42.00 -10.21
N PHE A 85 10.46 42.36 -9.89
CA PHE A 85 11.03 42.15 -8.57
C PHE A 85 11.82 43.37 -8.12
N ASN A 86 11.98 43.50 -6.81
CA ASN A 86 12.72 44.61 -6.24
C ASN A 86 14.17 44.61 -6.71
N THR A 87 14.80 43.45 -6.67
CA THR A 87 16.23 43.34 -6.88
C THR A 87 16.52 42.02 -7.57
N LYS A 88 17.78 41.81 -7.96
CA LYS A 88 18.20 40.50 -8.43
C LYS A 88 17.73 39.42 -7.46
N SER A 89 17.70 39.74 -6.18
CA SER A 89 17.23 38.82 -5.16
C SER A 89 15.95 38.13 -5.63
N GLY A 90 14.89 38.91 -5.83
CA GLY A 90 13.63 38.33 -6.27
C GLY A 90 13.79 37.62 -7.60
N LEU A 91 14.59 38.20 -8.49
CA LEU A 91 14.69 37.71 -9.85
C LEU A 91 15.24 36.30 -9.93
N SER A 92 16.49 36.11 -9.54
CA SER A 92 17.07 34.79 -9.70
C SER A 92 16.55 33.84 -8.65
N GLN A 93 15.82 34.32 -7.64
CA GLN A 93 15.08 33.44 -6.77
C GLN A 93 13.86 32.87 -7.50
N HIS A 94 13.19 33.72 -8.28
CA HIS A 94 12.13 33.25 -9.16
C HIS A 94 12.68 32.22 -10.13
N LYS A 95 13.88 32.47 -10.63
CA LYS A 95 14.58 31.44 -11.38
C LYS A 95 14.70 30.18 -10.54
N ARG A 96 15.38 30.31 -9.40
CA ARG A 96 15.63 29.22 -8.46
C ARG A 96 14.44 28.27 -8.36
N ILE A 97 13.26 28.82 -8.12
CA ILE A 97 12.13 27.96 -7.81
C ILE A 97 11.17 27.89 -9.00
N ALA A 98 10.58 29.02 -9.35
CA ALA A 98 9.54 29.02 -10.39
C ALA A 98 10.11 28.59 -11.73
N HIS A 99 11.30 29.07 -12.07
CA HIS A 99 11.87 28.90 -13.40
C HIS A 99 13.28 28.34 -13.25
N PRO A 100 13.39 27.07 -12.85
CA PRO A 100 14.70 26.54 -12.42
C PRO A 100 15.55 25.91 -13.52
N ALA A 101 14.99 25.62 -14.69
CA ALA A 101 15.81 25.10 -15.77
C ALA A 101 16.79 26.17 -16.25
N ILE A 102 16.26 27.29 -16.71
CA ILE A 102 17.11 28.42 -17.05
C ILE A 102 18.01 28.77 -15.87
N ARG A 103 17.53 28.52 -14.66
CA ARG A 103 18.36 28.81 -13.49
C ARG A 103 19.58 27.92 -13.46
N ASN A 104 19.40 26.63 -13.72
CA ASN A 104 20.54 25.75 -13.82
C ASN A 104 21.47 26.21 -14.93
N GLN A 105 20.88 26.66 -16.03
CA GLN A 105 21.71 27.12 -17.15
C GLN A 105 22.57 28.30 -16.72
N GLU A 106 21.98 29.25 -16.00
CA GLU A 106 22.73 30.38 -15.48
C GLU A 106 23.77 29.93 -14.48
N ARG A 107 23.39 29.02 -13.59
CA ARG A 107 24.32 28.51 -12.60
C ARG A 107 25.56 27.98 -13.29
N ILE A 108 25.35 27.15 -14.31
CA ILE A 108 26.47 26.57 -15.03
C ILE A 108 27.27 27.66 -15.74
N ALA A 109 26.56 28.56 -16.43
CA ALA A 109 27.24 29.58 -17.23
C ALA A 109 28.18 30.40 -16.34
N ALA A 110 27.64 30.95 -15.26
CA ALA A 110 28.49 31.67 -14.32
C ALA A 110 29.50 30.73 -13.68
N SER A 111 29.19 29.44 -13.62
CA SER A 111 30.06 28.48 -12.97
C SER A 111 31.43 28.47 -13.62
N GLN A 112 31.45 28.46 -14.96
CA GLN A 112 32.73 28.46 -15.66
C GLN A 112 33.50 29.66 -15.14
N PRO A 113 34.51 29.46 -14.30
CA PRO A 113 35.11 30.63 -13.63
C PRO A 113 35.78 31.55 -14.63
N LYS A 114 36.67 31.00 -15.46
CA LYS A 114 37.46 31.76 -16.43
C LYS A 114 37.82 33.14 -15.88
N PRO A 115 38.38 33.25 -14.66
CA PRO A 115 38.57 34.59 -14.08
C PRO A 115 39.91 35.19 -14.46
N ASN A 116 40.86 34.32 -14.79
CA ASN A 116 42.21 34.43 -14.27
C ASN A 116 42.87 35.71 -14.80
N SER A 117 42.73 36.75 -14.00
CA SER A 117 43.65 37.88 -13.99
C SER A 117 44.41 37.95 -12.66
N GLN A 118 44.52 36.82 -11.96
CA GLN A 118 45.38 36.72 -10.79
C GLN A 118 46.80 37.14 -11.13
N ARG A 119 47.21 36.93 -12.38
CA ARG A 119 48.54 37.30 -12.85
C ARG A 119 48.84 38.75 -12.49
N GLY A 120 47.79 39.55 -12.31
CA GLY A 120 47.94 40.93 -11.90
C GLY A 120 48.17 41.91 -13.03
N LYS A 121 47.89 41.52 -14.28
CA LYS A 121 48.05 42.33 -15.47
C LYS A 121 49.52 42.59 -15.80
N HIS A 122 50.45 42.04 -15.01
CA HIS A 122 51.86 42.17 -15.30
C HIS A 122 52.26 41.43 -16.57
N ASN A 123 51.39 40.58 -17.11
CA ASN A 123 51.69 39.84 -18.31
C ASN A 123 52.22 40.76 -19.40
N SER A 124 53.05 40.21 -20.27
CA SER A 124 53.62 40.97 -21.38
C SER A 124 53.51 40.15 -22.67
N CYS A 125 54.33 40.48 -23.68
CA CYS A 125 54.17 39.96 -25.03
C CYS A 125 55.10 38.80 -25.34
N TRP A 126 55.44 37.96 -24.35
CA TRP A 126 56.34 36.84 -24.61
C TRP A 126 55.65 35.77 -25.44
N THR A 127 56.45 35.01 -26.18
CA THR A 127 55.97 33.91 -27.01
C THR A 127 56.49 32.58 -26.45
N VAL A 128 55.60 31.59 -26.39
CA VAL A 128 55.96 30.32 -25.78
C VAL A 128 57.11 29.67 -26.54
N GLU A 129 57.13 29.83 -27.86
CA GLU A 129 58.23 29.27 -28.64
C GLU A 129 59.57 29.88 -28.23
N GLU A 130 59.62 31.20 -28.07
CA GLU A 130 60.84 31.84 -27.61
C GLU A 130 61.20 31.37 -26.20
N GLU A 131 60.19 31.20 -25.34
CA GLU A 131 60.45 30.74 -23.98
C GLU A 131 61.10 29.35 -24.00
N GLN A 132 60.54 28.44 -24.80
CA GLN A 132 61.08 27.09 -24.86
C GLN A 132 62.49 27.07 -25.45
N LEU A 133 62.71 27.85 -26.53
CA LEU A 133 64.04 27.91 -27.12
C LEU A 133 65.05 28.50 -26.13
N LEU A 134 64.64 29.53 -25.38
CA LEU A 134 65.52 30.10 -24.37
C LEU A 134 65.83 29.07 -23.29
N ALA A 135 64.83 28.31 -22.86
CA ALA A 135 65.07 27.28 -21.86
C ALA A 135 66.07 26.25 -22.37
N ALA A 136 65.88 25.78 -23.60
CA ALA A 136 66.78 24.79 -24.17
C ALA A 136 68.19 25.33 -24.29
N PHE A 137 68.34 26.56 -24.80
CA PHE A 137 69.67 27.14 -24.97
C PHE A 137 70.34 27.34 -23.61
N ASN A 138 69.60 27.81 -22.61
CA ASN A 138 70.17 27.99 -21.28
C ASN A 138 70.63 26.65 -20.71
N ASN A 139 69.84 25.59 -20.93
CA ASN A 139 70.33 24.26 -20.60
C ASN A 139 71.63 23.97 -21.33
N MET A 140 71.73 24.42 -22.59
CA MET A 140 72.98 24.30 -23.33
C MET A 140 74.01 25.34 -22.89
N PHE A 141 73.56 26.47 -22.35
CA PHE A 141 74.42 27.61 -22.03
C PHE A 141 74.56 27.81 -20.53
N TRP A 142 74.68 26.72 -19.77
CA TRP A 142 74.79 26.79 -18.32
C TRP A 142 76.15 27.39 -17.95
N GLY A 143 76.17 28.70 -17.74
CA GLY A 143 77.35 29.40 -17.24
C GLY A 143 78.66 29.00 -17.90
N LYS A 144 78.64 28.77 -19.21
CA LYS A 144 79.81 28.34 -19.96
C LYS A 144 80.22 29.45 -20.90
N LYS A 145 81.52 29.74 -20.93
CA LYS A 145 82.03 30.96 -21.57
C LYS A 145 81.33 31.22 -22.89
N ASN A 146 81.13 32.50 -23.18
CA ASN A 146 80.33 32.95 -24.33
C ASN A 146 78.89 32.47 -24.16
N ILE A 147 78.28 32.92 -23.06
CA ILE A 147 77.00 32.37 -22.64
C ILE A 147 75.80 32.96 -23.38
N ASN A 148 75.88 34.21 -23.81
CA ASN A 148 74.76 34.87 -24.49
C ASN A 148 74.75 34.59 -25.99
N ILE A 149 75.79 35.03 -26.70
CA ILE A 149 75.92 34.85 -28.14
C ILE A 149 74.56 34.73 -28.81
N LEU A 150 73.97 33.54 -28.76
CA LEU A 150 72.69 33.29 -29.44
C LEU A 150 71.55 34.01 -28.73
N ILE A 151 71.57 34.03 -27.39
CA ILE A 151 70.41 34.48 -26.63
C ILE A 151 70.06 35.92 -26.98
N SER A 152 71.08 36.76 -27.17
CA SER A 152 70.84 38.20 -27.34
C SER A 152 70.04 38.49 -28.60
N ASP A 153 70.34 37.80 -29.69
CA ASP A 153 69.78 38.13 -31.00
C ASP A 153 68.74 37.13 -31.49
N HIS A 154 68.99 35.83 -31.35
CA HIS A 154 68.11 34.82 -31.91
C HIS A 154 66.68 34.97 -31.39
N ILE A 155 66.52 35.48 -30.18
CA ILE A 155 65.19 35.89 -29.72
C ILE A 155 64.99 37.31 -30.23
N HIS A 156 64.50 37.43 -31.46
CA HIS A 156 64.36 38.72 -32.11
C HIS A 156 63.38 39.61 -31.36
N MET A 157 63.64 40.91 -31.38
CA MET A 157 62.82 41.90 -30.69
C MET A 157 62.77 41.58 -29.20
N LYS A 158 63.96 41.56 -28.60
CA LYS A 158 64.09 41.29 -27.17
C LYS A 158 65.43 41.83 -26.71
N THR A 159 65.60 41.88 -25.39
CA THR A 159 66.81 42.36 -24.76
C THR A 159 67.23 41.41 -23.63
N ALA A 160 68.52 41.44 -23.29
CA ALA A 160 69.01 40.62 -22.19
C ALA A 160 68.25 40.91 -20.91
N LYS A 161 67.83 42.16 -20.72
CA LYS A 161 66.98 42.50 -19.59
C LYS A 161 65.65 41.77 -19.68
N GLN A 162 65.08 41.68 -20.88
CA GLN A 162 63.84 40.93 -21.04
C GLN A 162 64.04 39.44 -20.77
N ILE A 163 65.17 38.89 -21.22
CA ILE A 163 65.49 37.50 -20.90
C ILE A 163 65.58 37.31 -19.40
N SER A 164 66.16 38.30 -18.70
CA SER A 164 66.21 38.24 -17.24
C SER A 164 64.80 38.26 -16.65
N GLU A 165 63.91 39.10 -17.20
CA GLU A 165 62.53 39.12 -16.75
C GLU A 165 61.90 37.73 -16.88
N LYS A 166 62.01 37.14 -18.07
CA LYS A 166 61.39 35.83 -18.29
C LYS A 166 61.97 34.77 -17.38
N ARG A 167 63.30 34.75 -17.21
CA ARG A 167 63.92 33.82 -16.28
C ARG A 167 63.41 34.05 -14.86
N ARG A 168 63.17 35.30 -14.50
CA ARG A 168 62.57 35.60 -13.20
C ARG A 168 61.15 35.10 -13.11
N LEU A 169 60.48 34.93 -14.26
CA LEU A 169 59.17 34.28 -14.25
C LEU A 169 59.32 32.79 -14.01
N LEU A 170 60.39 32.19 -14.54
CA LEU A 170 60.63 30.74 -14.45
C LEU A 170 62.14 30.51 -14.34
N GLY A 171 62.61 30.32 -13.12
CA GLY A 171 63.99 29.95 -12.86
C GLY A 171 64.87 31.05 -12.30
N LEU A 172 64.39 32.29 -12.26
CA LEU A 172 65.18 33.38 -11.70
C LEU A 172 66.53 33.47 -12.41
N ASN A 173 67.55 32.86 -11.83
CA ASN A 173 68.87 32.88 -12.44
C ASN A 173 68.95 31.99 -13.69
N LYS A 174 67.94 31.16 -13.91
CA LYS A 174 67.98 30.20 -15.02
C LYS A 174 66.55 29.97 -15.50
N ASN A 175 66.35 28.88 -16.23
CA ASN A 175 65.04 28.49 -16.75
C ASN A 175 64.32 27.58 -15.73
N ALA A 176 63.22 26.97 -16.17
CA ALA A 176 62.46 26.07 -15.32
C ALA A 176 61.86 24.92 -16.14
N THR A 177 60.96 24.16 -15.53
CA THR A 177 60.37 22.98 -16.18
C THR A 177 59.02 22.69 -15.52
N VAL A 178 58.28 21.75 -16.11
CA VAL A 178 56.96 21.35 -15.62
C VAL A 178 56.74 19.86 -15.87
N THR A 179 55.58 19.35 -15.45
CA THR A 179 55.30 17.91 -15.53
C THR A 179 53.79 17.71 -15.73
N THR A 180 53.39 16.45 -15.95
CA THR A 180 52.00 16.10 -16.24
C THR A 180 51.76 14.65 -15.84
N THR A 181 50.48 14.25 -15.81
CA THR A 181 50.08 12.88 -15.48
C THR A 181 48.83 12.48 -16.27
N ASN A 182 48.29 11.27 -16.02
CA ASN A 182 47.14 10.80 -16.76
C ASN A 182 46.56 9.57 -16.07
N PRO A 183 45.21 9.46 -15.97
CA PRO A 183 44.58 8.25 -15.38
C PRO A 183 44.21 7.17 -16.38
N LEU A 184 43.57 6.08 -15.92
CA LEU A 184 43.09 5.01 -16.78
C LEU A 184 41.83 4.34 -16.22
N PRO A 185 41.01 3.69 -17.08
CA PRO A 185 39.80 3.00 -16.58
C PRO A 185 40.06 1.56 -16.15
N VAL A 186 39.01 0.83 -15.77
CA VAL A 186 39.13 -0.52 -15.24
C VAL A 186 38.15 -1.45 -15.94
N SER A 187 38.62 -2.67 -16.23
CA SER A 187 37.85 -3.68 -16.94
C SER A 187 38.45 -5.07 -16.69
N SER A 188 38.12 -6.04 -17.55
CA SER A 188 38.74 -7.38 -17.51
C SER A 188 38.31 -8.19 -16.29
N THR A 189 37.00 -8.43 -16.21
CA THR A 189 36.41 -9.39 -15.27
C THR A 189 35.87 -10.59 -16.03
N CYS A 190 36.56 -10.96 -17.12
CA CYS A 190 36.05 -11.93 -18.09
C CYS A 190 37.04 -13.06 -18.26
N HIS A 191 37.50 -13.61 -17.14
CA HIS A 191 38.59 -14.58 -17.15
C HIS A 191 38.40 -15.56 -16.00
N LEU A 192 39.27 -16.56 -15.96
CA LEU A 192 39.40 -17.45 -14.80
C LEU A 192 38.08 -18.19 -14.53
N LYS A 193 37.74 -19.06 -15.47
CA LYS A 193 36.66 -20.01 -15.25
C LYS A 193 37.03 -20.94 -14.10
N ILE A 194 36.09 -21.16 -13.19
CA ILE A 194 36.38 -21.85 -11.93
C ILE A 194 35.87 -23.29 -11.89
N ARG A 195 34.81 -23.62 -12.63
CA ARG A 195 34.17 -24.91 -12.45
C ARG A 195 35.12 -26.04 -12.82
N THR A 196 35.38 -26.91 -11.84
CA THR A 196 36.19 -28.11 -12.04
C THR A 196 35.41 -29.38 -11.76
N ASP A 197 34.70 -29.43 -10.64
CA ASP A 197 33.90 -30.60 -10.26
C ASP A 197 32.70 -30.11 -9.47
N SER A 198 32.06 -31.03 -8.76
CA SER A 198 30.89 -30.67 -7.97
C SER A 198 31.27 -29.58 -6.96
N PRO A 199 30.52 -28.47 -6.90
CA PRO A 199 30.83 -27.45 -5.88
C PRO A 199 30.84 -28.04 -4.48
N ASN A 200 29.73 -28.66 -4.09
CA ASN A 200 29.67 -29.47 -2.88
C ASN A 200 29.83 -30.94 -3.24
N THR A 201 30.23 -31.73 -2.24
CA THR A 201 30.34 -33.17 -2.40
C THR A 201 29.15 -33.70 -3.19
N THR A 202 29.44 -34.57 -4.15
CA THR A 202 28.41 -35.07 -5.05
C THR A 202 27.26 -35.71 -4.25
N THR A 203 27.59 -36.47 -3.21
CA THR A 203 26.61 -37.15 -2.39
C THR A 203 26.48 -36.54 -1.01
N GLY A 204 26.96 -35.30 -0.82
CA GLY A 204 26.93 -34.70 0.50
C GLY A 204 25.54 -34.74 1.09
N LEU A 205 24.55 -34.27 0.34
CA LEU A 205 23.17 -34.41 0.77
C LEU A 205 22.67 -35.82 0.57
N LYS A 206 23.14 -36.50 -0.47
CA LYS A 206 22.71 -37.87 -0.71
C LYS A 206 23.14 -38.79 0.43
N ASP A 207 24.38 -38.62 0.91
CA ASP A 207 24.86 -39.43 2.02
C ASP A 207 24.04 -39.16 3.28
N THR A 208 23.76 -37.88 3.54
CA THR A 208 22.93 -37.54 4.70
C THR A 208 21.56 -38.18 4.59
N TYR A 209 20.96 -38.12 3.39
CA TYR A 209 19.64 -38.71 3.20
C TYR A 209 19.69 -40.23 3.38
N MET A 210 20.74 -40.88 2.87
CA MET A 210 20.88 -42.30 3.08
C MET A 210 20.96 -42.64 4.57
N CYS A 211 21.77 -41.88 5.30
CA CYS A 211 21.90 -42.12 6.73
C CYS A 211 20.56 -41.92 7.43
N LYS A 212 19.85 -40.85 7.07
CA LYS A 212 18.58 -40.55 7.72
C LYS A 212 17.54 -41.62 7.43
N ILE A 213 17.48 -42.10 6.19
CA ILE A 213 16.51 -43.14 5.87
C ILE A 213 16.89 -44.43 6.58
N ASN A 214 18.18 -44.73 6.71
CA ASN A 214 18.59 -45.89 7.48
C ASN A 214 18.12 -45.77 8.92
N GLU A 215 18.31 -44.58 9.51
CA GLU A 215 17.84 -44.36 10.87
C GLU A 215 16.34 -44.54 10.97
N ASN A 216 15.60 -43.99 10.01
CA ASN A 216 14.14 -44.09 10.05
C ASN A 216 13.70 -45.55 9.97
N ILE A 217 14.27 -46.30 9.03
CA ILE A 217 13.85 -47.69 8.87
C ILE A 217 14.20 -48.50 10.10
N VAL A 218 15.35 -48.24 10.70
CA VAL A 218 15.73 -48.97 11.91
C VAL A 218 14.79 -48.61 13.06
N ASN A 219 14.51 -47.32 13.21
CA ASN A 219 13.71 -46.81 14.32
C ASN A 219 12.28 -46.52 13.94
N GLN A 220 11.90 -46.72 12.68
CA GLN A 220 10.54 -46.43 12.22
C GLN A 220 10.15 -44.99 12.53
N GLY A 221 11.03 -44.07 12.13
CA GLY A 221 10.78 -42.66 12.34
C GLY A 221 9.59 -42.17 11.56
N GLN A 222 9.18 -40.95 11.87
CA GLN A 222 7.98 -40.36 11.29
C GLN A 222 8.20 -39.78 9.90
N ILE A 223 9.45 -39.78 9.41
CA ILE A 223 9.70 -39.29 8.06
C ILE A 223 8.96 -40.15 7.06
N LYS A 224 8.29 -39.52 6.11
CA LYS A 224 7.38 -40.18 5.18
C LYS A 224 7.99 -40.24 3.79
N PHE A 225 7.87 -41.41 3.17
CA PHE A 225 8.33 -41.64 1.81
C PHE A 225 7.91 -43.05 1.39
N ASP A 226 7.64 -43.22 0.10
CA ASP A 226 7.36 -44.55 -0.40
C ASP A 226 8.57 -45.45 -0.20
N SER A 227 8.32 -46.65 0.31
CA SER A 227 9.42 -47.54 0.66
C SER A 227 10.16 -48.04 -0.56
N GLU A 228 9.43 -48.58 -1.54
CA GLU A 228 10.07 -49.28 -2.64
C GLU A 228 10.89 -48.35 -3.51
N VAL A 229 10.38 -47.15 -3.76
CA VAL A 229 11.12 -46.23 -4.63
C VAL A 229 12.47 -45.90 -4.01
N ILE A 230 12.47 -45.58 -2.71
CA ILE A 230 13.72 -45.27 -2.04
C ILE A 230 14.61 -46.50 -1.97
N SER A 231 14.01 -47.67 -1.80
CA SER A 231 14.79 -48.91 -1.79
C SER A 231 15.55 -49.08 -3.10
N ALA A 232 14.85 -48.90 -4.22
CA ALA A 232 15.50 -49.01 -5.52
C ALA A 232 16.57 -47.92 -5.69
N TRP A 233 16.24 -46.68 -5.30
CA TRP A 233 17.20 -45.59 -5.46
C TRP A 233 18.48 -45.88 -4.70
N MET A 234 18.36 -46.36 -3.46
CA MET A 234 19.52 -46.84 -2.74
C MET A 234 20.18 -47.99 -3.49
N ALA A 235 19.37 -48.85 -4.11
CA ALA A 235 19.87 -49.98 -4.87
C ALA A 235 20.48 -49.56 -6.18
N GLY A 236 20.65 -48.26 -6.44
CA GLY A 236 21.25 -47.82 -7.68
C GLY A 236 20.46 -48.24 -8.91
N ASP A 237 19.14 -48.08 -8.86
CA ASP A 237 18.31 -48.47 -9.99
C ASP A 237 18.59 -47.61 -11.22
N SER A 238 18.39 -48.20 -12.40
CA SER A 238 18.58 -47.47 -13.64
C SER A 238 17.34 -46.71 -14.07
N ASN A 239 16.17 -47.33 -14.03
CA ASN A 239 14.93 -46.72 -14.52
C ASN A 239 14.17 -46.04 -13.39
N ILE A 240 14.90 -45.48 -12.43
CA ILE A 240 14.26 -44.86 -11.27
C ILE A 240 13.25 -43.82 -11.71
N ARG A 241 13.52 -43.13 -12.82
CA ARG A 241 12.55 -42.17 -13.34
C ARG A 241 11.20 -42.83 -13.58
N SER A 242 11.22 -44.02 -14.18
CA SER A 242 9.96 -44.70 -14.48
C SER A 242 9.17 -44.96 -13.21
N LEU A 243 9.79 -45.60 -12.23
CA LEU A 243 9.06 -45.97 -11.02
C LEU A 243 8.60 -44.74 -10.26
N VAL A 244 9.47 -43.73 -10.15
CA VAL A 244 9.11 -42.54 -9.40
C VAL A 244 7.97 -41.83 -10.09
N GLU A 245 7.95 -41.83 -11.42
CA GLU A 245 6.83 -41.25 -12.13
C GLU A 245 5.55 -42.04 -11.88
N SER A 246 5.66 -43.36 -11.79
CA SER A 246 4.46 -44.16 -11.52
C SER A 246 3.88 -43.81 -10.16
N THR A 247 4.72 -43.76 -9.13
CA THR A 247 4.22 -43.38 -7.81
C THR A 247 3.68 -41.96 -7.81
N SER A 248 4.37 -41.04 -8.47
CA SER A 248 3.81 -39.71 -8.65
C SER A 248 2.38 -39.80 -9.17
N LEU A 249 2.23 -40.32 -10.39
CA LEU A 249 0.92 -40.47 -11.00
C LEU A 249 -0.11 -41.01 -10.02
N ASP A 250 0.24 -42.07 -9.29
CA ASP A 250 -0.73 -42.65 -8.36
C ASP A 250 -1.15 -41.64 -7.29
N ILE A 251 -0.17 -41.01 -6.64
CA ILE A 251 -0.49 -40.09 -5.54
C ILE A 251 -1.24 -38.87 -6.06
N LEU A 252 -0.79 -38.32 -7.20
CA LEU A 252 -1.47 -37.19 -7.78
C LEU A 252 -2.91 -37.56 -8.11
N SER A 253 -3.13 -38.75 -8.68
CA SER A 253 -4.48 -39.23 -8.87
C SER A 253 -5.26 -39.17 -7.57
N THR A 254 -4.64 -39.56 -6.47
CA THR A 254 -5.28 -39.35 -5.17
C THR A 254 -5.64 -37.89 -4.99
N PHE A 255 -4.73 -36.98 -5.35
CA PHE A 255 -5.05 -35.55 -5.25
C PHE A 255 -5.88 -35.05 -6.43
N LEU A 256 -5.90 -35.77 -7.55
CA LEU A 256 -6.74 -35.38 -8.68
C LEU A 256 -8.17 -35.86 -8.44
N MET A 257 -8.75 -35.34 -7.36
CA MET A 257 -10.13 -35.63 -7.02
C MET A 257 -11.05 -35.26 -8.18
N GLU A 258 -12.28 -35.78 -8.17
CA GLU A 258 -13.30 -35.26 -9.05
C GLU A 258 -13.76 -33.91 -8.51
N THR A 259 -12.90 -32.88 -8.66
CA THR A 259 -13.11 -31.57 -8.07
C THR A 259 -14.57 -31.18 -8.16
N PRO A 260 -15.16 -30.62 -7.11
CA PRO A 260 -16.60 -30.37 -7.12
C PRO A 260 -17.03 -29.59 -8.36
N LYS A 261 -18.07 -30.09 -9.02
CA LYS A 261 -18.56 -29.40 -10.20
C LYS A 261 -19.03 -28.01 -9.80
N PRO A 262 -19.01 -27.04 -10.72
CA PRO A 262 -19.33 -25.66 -10.35
C PRO A 262 -20.57 -25.54 -9.48
N ARG A 263 -20.38 -25.12 -8.23
CA ARG A 263 -21.48 -24.93 -7.28
C ARG A 263 -21.77 -23.46 -7.02
N LYS A 264 -21.14 -22.55 -7.78
CA LYS A 264 -21.31 -21.12 -7.55
C LYS A 264 -22.78 -20.73 -7.64
N LYS A 265 -23.30 -20.18 -6.55
CA LYS A 265 -24.70 -19.74 -6.47
C LYS A 265 -24.80 -18.40 -5.77
N LYS A 280 -39.98 5.91 -27.65
CA LYS A 280 -40.28 4.70 -28.41
C LYS A 280 -39.72 3.49 -27.67
N TRP A 281 -39.92 2.30 -28.23
CA TRP A 281 -39.42 1.08 -27.62
C TRP A 281 -37.98 1.19 -27.17
N MET A 282 -37.18 2.02 -27.85
CA MET A 282 -35.75 2.17 -27.54
C MET A 282 -35.61 2.99 -26.27
N GLU A 283 -35.47 2.30 -25.14
CA GLU A 283 -35.25 2.92 -23.84
C GLU A 283 -33.85 2.55 -23.34
N LYS A 284 -33.14 3.54 -22.81
CA LYS A 284 -31.84 3.31 -22.20
C LYS A 284 -31.94 2.66 -20.84
N ARG A 285 -33.16 2.43 -20.35
CA ARG A 285 -33.35 1.79 -19.05
C ARG A 285 -32.64 0.46 -18.99
N ALA A 286 -32.58 -0.27 -20.11
CA ALA A 286 -31.91 -1.56 -20.12
C ALA A 286 -30.43 -1.42 -19.78
N VAL A 287 -29.76 -0.43 -20.38
CA VAL A 287 -28.33 -0.24 -20.12
C VAL A 287 -28.09 0.10 -18.65
N LYS A 288 -28.89 1.02 -18.11
CA LYS A 288 -28.72 1.42 -16.72
C LYS A 288 -29.02 0.25 -15.78
N LYS A 289 -30.06 -0.52 -16.07
CA LYS A 289 -30.39 -1.67 -15.24
C LYS A 289 -29.28 -2.71 -15.28
N GLY A 290 -28.72 -2.96 -16.46
CA GLY A 290 -27.62 -3.89 -16.56
C GLY A 290 -26.41 -3.42 -15.80
N PHE A 291 -26.10 -2.13 -15.90
CA PHE A 291 -25.00 -1.55 -15.13
C PHE A 291 -25.22 -1.74 -13.64
N TYR A 292 -26.41 -1.38 -13.16
CA TYR A 292 -26.72 -1.52 -11.75
C TYR A 292 -26.65 -2.98 -11.31
N LYS A 293 -27.21 -3.87 -12.10
CA LYS A 293 -27.14 -5.29 -11.79
C LYS A 293 -25.69 -5.75 -11.68
N ARG A 294 -24.88 -5.40 -12.68
CA ARG A 294 -23.49 -5.83 -12.68
C ARG A 294 -22.80 -5.34 -11.42
N TYR A 295 -22.96 -4.06 -11.10
CA TYR A 295 -22.24 -3.49 -9.98
C TYR A 295 -22.74 -4.08 -8.66
N GLN A 296 -24.05 -4.22 -8.51
CA GLN A 296 -24.59 -4.81 -7.28
C GLN A 296 -24.11 -6.23 -7.12
N HIS A 297 -24.09 -6.99 -8.21
CA HIS A 297 -23.63 -8.37 -8.12
C HIS A 297 -22.16 -8.43 -7.72
N LEU A 298 -21.31 -7.66 -8.41
CA LEU A 298 -19.90 -7.66 -8.06
C LEU A 298 -19.69 -7.25 -6.62
N PHE A 299 -20.48 -6.30 -6.11
CA PHE A 299 -20.39 -5.97 -4.70
C PHE A 299 -20.79 -7.16 -3.84
N GLU A 300 -21.87 -7.83 -4.20
CA GLU A 300 -22.26 -9.06 -3.52
C GLU A 300 -21.17 -10.10 -3.66
N THR A 301 -20.70 -10.32 -4.88
CA THR A 301 -19.57 -11.19 -5.14
C THR A 301 -18.28 -10.42 -4.87
N ASP A 302 -17.16 -10.94 -5.37
CA ASP A 302 -15.90 -10.22 -5.25
C ASP A 302 -16.04 -8.81 -5.81
N ARG A 303 -15.65 -7.83 -5.00
CA ARG A 303 -15.71 -6.44 -5.38
C ARG A 303 -14.34 -5.84 -5.65
N CYS A 304 -13.27 -6.59 -5.38
CA CYS A 304 -11.95 -6.17 -5.88
C CYS A 304 -12.03 -5.88 -7.37
N LYS A 305 -12.65 -6.77 -8.13
CA LYS A 305 -12.88 -6.50 -9.54
C LYS A 305 -13.73 -5.24 -9.72
N LEU A 306 -14.78 -5.11 -8.92
CA LEU A 306 -15.61 -3.92 -8.99
C LEU A 306 -14.81 -2.68 -8.66
N ALA A 307 -14.00 -2.75 -7.60
CA ALA A 307 -13.21 -1.59 -7.21
C ALA A 307 -12.25 -1.20 -8.31
N SER A 308 -11.59 -2.17 -8.92
CA SER A 308 -10.71 -1.88 -10.05
C SER A 308 -11.50 -1.22 -11.17
N ILE A 309 -12.64 -1.80 -11.53
CA ILE A 309 -13.43 -1.26 -12.63
C ILE A 309 -13.76 0.19 -12.37
N ILE A 310 -14.13 0.51 -11.13
CA ILE A 310 -14.56 1.86 -10.82
C ILE A 310 -13.38 2.80 -10.75
N LEU A 311 -12.48 2.55 -9.81
CA LEU A 311 -11.38 3.47 -9.55
C LEU A 311 -10.51 3.64 -10.78
N ASP A 312 -10.16 2.52 -11.43
CA ASP A 312 -9.38 2.60 -12.65
C ASP A 312 -10.25 2.94 -13.84
N GLY A 313 -11.56 2.76 -13.72
CA GLY A 313 -12.43 2.96 -14.86
C GLY A 313 -12.17 1.97 -15.98
N THR A 314 -11.90 0.71 -15.64
CA THR A 314 -11.44 -0.26 -16.62
C THR A 314 -12.28 -1.53 -16.53
N GLU A 315 -11.88 -2.54 -17.30
CA GLU A 315 -12.60 -3.80 -17.42
C GLU A 315 -11.56 -4.87 -17.72
N ARG A 316 -12.01 -6.03 -18.20
CA ARG A 316 -11.12 -7.12 -18.59
C ARG A 316 -11.09 -7.22 -20.11
N LEU A 317 -9.91 -7.48 -20.66
CA LEU A 317 -9.68 -7.41 -22.10
C LEU A 317 -9.10 -8.72 -22.60
N GLN A 318 -9.52 -9.09 -23.82
CA GLN A 318 -9.06 -10.34 -24.45
C GLN A 318 -8.98 -10.08 -25.94
N CYS A 319 -7.79 -9.77 -26.43
CA CYS A 319 -7.62 -9.49 -27.85
C CYS A 319 -7.70 -10.78 -28.67
N GLN A 320 -7.97 -10.62 -29.97
CA GLN A 320 -8.12 -11.73 -30.88
C GLN A 320 -6.99 -11.80 -31.90
N ILE A 321 -5.77 -11.46 -31.49
CA ILE A 321 -4.64 -11.41 -32.40
C ILE A 321 -4.44 -12.82 -32.96
N PRO A 322 -4.13 -12.97 -34.25
CA PRO A 322 -3.99 -14.32 -34.81
C PRO A 322 -3.17 -15.24 -33.94
N LEU A 323 -3.80 -16.30 -33.46
CA LEU A 323 -3.11 -17.30 -32.66
C LEU A 323 -1.83 -17.74 -33.35
N THR A 324 -1.86 -17.83 -34.67
CA THR A 324 -0.68 -18.19 -35.43
C THR A 324 0.49 -17.28 -35.07
N GLU A 325 0.24 -15.96 -35.14
CA GLU A 325 1.28 -15.00 -34.80
C GLU A 325 1.75 -15.21 -33.36
N ILE A 326 0.83 -15.04 -32.41
CA ILE A 326 1.14 -15.12 -30.99
C ILE A 326 2.05 -16.32 -30.77
N LEU A 327 1.64 -17.45 -31.35
CA LEU A 327 2.45 -18.65 -31.28
C LEU A 327 3.85 -18.37 -31.80
N GLU A 328 3.96 -18.08 -33.09
CA GLU A 328 5.28 -17.85 -33.68
C GLU A 328 6.15 -17.02 -32.74
N THR A 329 5.62 -15.90 -32.27
CA THR A 329 6.35 -15.04 -31.36
C THR A 329 6.89 -15.84 -30.17
N TYR A 330 5.99 -16.42 -29.38
CA TYR A 330 6.46 -17.02 -28.14
C TYR A 330 7.24 -18.30 -28.37
N LYS A 331 6.90 -19.05 -29.41
CA LYS A 331 7.70 -20.22 -29.78
C LYS A 331 9.12 -19.83 -30.08
N SER A 332 9.31 -18.81 -30.93
CA SER A 332 10.63 -18.32 -31.27
C SER A 332 11.29 -17.60 -30.11
N LYS A 333 10.55 -17.26 -29.08
CA LYS A 333 11.13 -16.57 -27.94
C LYS A 333 11.60 -17.58 -26.89
N TRP A 334 10.68 -18.38 -26.37
CA TRP A 334 11.03 -19.35 -25.32
C TRP A 334 12.12 -20.31 -25.78
N GLU A 335 11.93 -20.92 -26.96
CA GLU A 335 12.85 -21.95 -27.40
C GLU A 335 14.16 -21.35 -27.87
N THR A 336 14.11 -20.13 -28.42
CA THR A 336 15.32 -19.48 -28.90
C THR A 336 16.37 -19.43 -27.79
N LEU A 337 17.59 -19.82 -28.09
CA LEU A 337 18.67 -19.90 -27.12
C LEU A 337 19.87 -19.07 -27.58
N THR A 338 20.82 -18.90 -26.67
CA THR A 338 22.05 -18.20 -26.96
C THR A 338 23.18 -18.98 -26.30
N PRO A 339 24.33 -19.08 -26.96
CA PRO A 339 25.42 -19.88 -26.38
C PRO A 339 26.05 -19.20 -25.18
N PHE A 340 25.86 -19.75 -24.00
CA PHE A 340 26.49 -19.16 -22.82
C PHE A 340 27.97 -19.51 -22.75
N GLU A 341 28.81 -18.49 -22.85
CA GLU A 341 30.25 -18.70 -22.80
C GLU A 341 30.76 -18.90 -21.38
N GLY A 342 30.13 -18.30 -20.39
CA GLY A 342 30.62 -18.28 -19.03
C GLY A 342 30.46 -16.89 -18.42
N LEU A 343 30.81 -16.80 -17.14
CA LEU A 343 30.74 -15.54 -16.44
C LEU A 343 32.15 -15.00 -16.18
N GLY A 344 33.13 -15.51 -16.91
CA GLY A 344 34.50 -15.10 -16.69
C GLY A 344 34.87 -15.06 -15.23
N GLN A 345 35.33 -13.90 -14.75
CA GLN A 345 35.70 -13.76 -13.35
C GLN A 345 34.52 -13.39 -12.46
N PHE A 346 33.36 -13.11 -13.02
CA PHE A 346 32.24 -12.64 -12.21
C PHE A 346 31.95 -13.63 -11.08
N LYS A 347 32.11 -13.19 -9.85
CA LYS A 347 31.89 -14.01 -8.68
C LYS A 347 30.84 -13.34 -7.78
N SER A 348 30.10 -14.17 -7.05
CA SER A 348 28.96 -13.69 -6.28
C SER A 348 29.24 -13.85 -4.80
N HIS A 349 28.67 -12.93 -4.03
CA HIS A 349 28.76 -12.88 -2.58
C HIS A 349 29.82 -13.84 -2.05
N ALA A 350 29.46 -15.10 -1.87
CA ALA A 350 30.39 -16.10 -1.34
C ALA A 350 29.86 -17.50 -1.63
N VAL A 351 30.49 -18.51 -1.04
CA VAL A 351 30.02 -19.88 -1.15
C VAL A 351 28.66 -19.96 -0.48
N ALA A 352 27.90 -21.02 -0.75
CA ALA A 352 26.61 -21.26 -0.13
C ALA A 352 26.70 -22.51 0.73
N ASP A 353 26.21 -22.40 1.96
CA ASP A 353 26.20 -23.56 2.85
C ASP A 353 25.20 -24.61 2.37
N ASN A 354 25.55 -25.87 2.61
CA ASN A 354 24.69 -26.99 2.24
C ASN A 354 24.04 -27.65 3.43
N THR A 355 24.48 -27.34 4.66
CA THR A 355 23.85 -27.93 5.82
C THR A 355 22.36 -27.62 5.88
N ALA A 356 21.95 -26.47 5.34
CA ALA A 356 20.54 -26.10 5.38
C ALA A 356 19.68 -27.14 4.68
N PHE A 357 20.26 -27.91 3.77
CA PHE A 357 19.53 -28.94 3.06
C PHE A 357 19.67 -30.31 3.71
N GLU A 358 20.72 -30.51 4.51
CA GLU A 358 20.94 -31.80 5.14
C GLU A 358 19.67 -32.28 5.82
N ILE A 359 18.94 -31.34 6.41
CA ILE A 359 17.66 -31.63 7.05
C ILE A 359 16.71 -32.23 6.04
N LEU A 360 15.92 -33.22 6.45
CA LEU A 360 14.95 -33.83 5.56
C LEU A 360 13.57 -33.20 5.76
N LEU A 361 12.73 -33.36 4.75
CA LEU A 361 11.40 -32.75 4.75
C LEU A 361 10.57 -33.27 5.90
N SER A 362 9.75 -32.39 6.47
CA SER A 362 8.81 -32.74 7.54
C SER A 362 7.42 -32.31 7.12
N ALA A 363 6.45 -33.23 7.26
CA ALA A 363 5.08 -32.90 6.92
C ALA A 363 4.62 -31.66 7.67
N LYS A 364 5.16 -31.46 8.88
CA LYS A 364 4.88 -30.23 9.60
C LYS A 364 5.32 -29.02 8.79
N GLU A 365 6.53 -29.08 8.25
CA GLU A 365 7.04 -27.97 7.46
C GLU A 365 6.19 -27.77 6.21
N ILE A 366 5.76 -28.86 5.58
CA ILE A 366 4.96 -28.75 4.37
C ILE A 366 3.63 -28.08 4.68
N MET A 367 2.98 -28.54 5.75
CA MET A 367 1.75 -27.91 6.20
C MET A 367 1.97 -26.42 6.40
N LYS A 368 3.01 -26.08 7.17
CA LYS A 368 3.37 -24.68 7.37
C LYS A 368 3.36 -23.94 6.05
N ASN A 369 4.24 -24.36 5.12
CA ASN A 369 4.35 -23.68 3.84
C ASN A 369 2.98 -23.54 3.19
N ILE A 370 2.17 -24.59 3.26
CA ILE A 370 0.84 -24.58 2.66
C ILE A 370 0.07 -23.40 3.25
N LYS A 371 0.22 -23.19 4.55
CA LYS A 371 -0.50 -22.10 5.20
C LYS A 371 -0.15 -20.76 4.54
N GLU A 372 1.12 -20.58 4.18
CA GLU A 372 1.59 -19.33 3.59
C GLU A 372 1.42 -19.37 2.07
N MET A 373 0.17 -19.61 1.65
CA MET A 373 -0.15 -19.74 0.24
C MET A 373 -1.35 -18.89 -0.12
N ASN A 374 -1.38 -18.39 -1.36
CA ASN A 374 -2.61 -17.81 -1.85
C ASN A 374 -3.61 -18.91 -2.15
N LYS A 375 -4.52 -19.17 -1.21
CA LYS A 375 -5.53 -20.19 -1.47
C LYS A 375 -6.35 -19.84 -2.69
N ASN A 376 -6.70 -18.57 -2.83
CA ASN A 376 -7.53 -18.12 -3.95
C ASN A 376 -6.62 -17.94 -5.16
N SER A 377 -6.23 -19.07 -5.75
CA SER A 377 -5.36 -19.09 -6.92
C SER A 377 -5.92 -20.05 -7.94
N ALA A 378 -5.82 -19.69 -9.21
CA ALA A 378 -6.35 -20.52 -10.28
C ALA A 378 -5.57 -21.82 -10.37
N PRO A 379 -6.23 -22.98 -10.30
CA PRO A 379 -5.47 -24.24 -10.33
C PRO A 379 -4.83 -24.45 -11.69
N GLY A 380 -3.69 -25.14 -11.67
CA GLY A 380 -2.94 -25.40 -12.87
C GLY A 380 -3.68 -26.34 -13.81
N PRO A 381 -2.96 -26.89 -14.79
CA PRO A 381 -3.58 -27.85 -15.71
C PRO A 381 -4.23 -29.01 -14.97
N ASP A 382 -3.63 -29.43 -13.85
CA ASP A 382 -4.22 -30.47 -13.04
C ASP A 382 -5.61 -30.08 -12.54
N LYS A 383 -5.90 -28.78 -12.51
CA LYS A 383 -7.18 -28.27 -12.02
C LYS A 383 -7.38 -28.58 -10.54
N VAL A 384 -6.30 -28.89 -9.82
CA VAL A 384 -6.35 -29.19 -8.40
C VAL A 384 -5.92 -27.94 -7.64
N SER A 385 -6.68 -27.62 -6.59
CA SER A 385 -6.43 -26.44 -5.79
C SER A 385 -5.84 -26.81 -4.44
N LEU A 386 -5.22 -25.81 -3.80
CA LEU A 386 -4.76 -25.98 -2.43
C LEU A 386 -5.89 -26.43 -1.54
N ARG A 387 -7.07 -25.85 -1.72
CA ARG A 387 -8.24 -26.35 -1.01
C ARG A 387 -8.46 -27.82 -1.32
N ASP A 388 -8.51 -28.16 -2.62
CA ASP A 388 -8.67 -29.55 -3.02
C ASP A 388 -7.57 -30.40 -2.40
N LEU A 389 -6.33 -29.90 -2.50
CA LEU A 389 -5.18 -30.65 -2.02
C LEU A 389 -5.34 -31.00 -0.55
N LEU A 390 -5.65 -29.99 0.26
CA LEU A 390 -5.84 -30.22 1.69
C LEU A 390 -6.97 -31.21 1.92
N LEU A 391 -8.07 -31.05 1.18
CA LEU A 391 -9.16 -32.01 1.26
C LEU A 391 -8.65 -33.43 1.06
N ALA A 392 -7.76 -33.62 0.09
CA ALA A 392 -7.19 -34.94 -0.13
C ALA A 392 -6.46 -35.43 1.11
N ASP A 393 -5.39 -34.72 1.50
CA ASP A 393 -4.62 -35.02 2.70
C ASP A 393 -4.54 -33.78 3.57
N PRO A 394 -5.43 -33.64 4.56
CA PRO A 394 -5.25 -32.57 5.55
C PRO A 394 -4.10 -32.84 6.51
N GLU A 395 -3.41 -33.96 6.37
CA GLU A 395 -2.32 -34.32 7.26
C GLU A 395 -0.96 -34.18 6.61
N CYS A 396 -0.91 -33.90 5.30
CA CYS A 396 0.34 -33.84 4.54
C CYS A 396 1.17 -35.11 4.70
N ASN A 397 0.52 -36.22 5.02
CA ASN A 397 1.25 -37.46 5.25
C ASN A 397 1.76 -38.00 3.93
N ALA A 398 0.82 -38.36 3.04
CA ALA A 398 1.24 -38.79 1.71
C ALA A 398 1.97 -37.69 0.98
N LEU A 399 1.70 -36.43 1.34
CA LEU A 399 2.41 -35.32 0.72
C LEU A 399 3.89 -35.41 1.02
N GLU A 400 4.25 -35.51 2.30
CA GLU A 400 5.64 -35.68 2.66
C GLU A 400 6.17 -36.97 2.04
N LYS A 401 5.32 -38.00 1.97
CA LYS A 401 5.73 -39.25 1.37
C LYS A 401 6.30 -39.04 -0.02
N LEU A 402 5.49 -38.51 -0.95
CA LEU A 402 5.98 -38.44 -2.32
C LEU A 402 7.01 -37.32 -2.48
N PHE A 403 6.90 -36.26 -1.68
CA PHE A 403 7.89 -35.20 -1.76
C PHE A 403 9.27 -35.75 -1.43
N ASN A 404 9.38 -36.49 -0.32
CA ASN A 404 10.63 -37.16 0.01
C ASN A 404 11.00 -38.16 -1.07
N THR A 405 10.02 -38.90 -1.56
CA THR A 405 10.29 -39.82 -2.65
C THR A 405 11.15 -39.11 -3.68
N TRP A 406 10.63 -38.01 -4.22
CA TRP A 406 11.37 -37.34 -5.27
C TRP A 406 12.69 -36.84 -4.74
N LEU A 407 12.64 -35.97 -3.72
CA LEU A 407 13.83 -35.34 -3.17
C LEU A 407 14.97 -36.33 -3.03
N ILE A 408 14.74 -37.38 -2.24
CA ILE A 408 15.79 -38.38 -2.02
C ILE A 408 16.21 -38.99 -3.35
N THR A 409 15.23 -39.37 -4.18
CA THR A 409 15.58 -39.89 -5.50
C THR A 409 16.28 -38.83 -6.33
N GLY A 410 15.71 -37.63 -6.36
CA GLY A 410 16.21 -36.57 -7.20
C GLY A 410 15.64 -36.55 -8.61
N ILE A 411 14.53 -37.24 -8.85
CA ILE A 411 13.94 -37.31 -10.18
C ILE A 411 12.51 -36.80 -10.08
N ILE A 412 12.35 -35.50 -10.31
CA ILE A 412 11.01 -34.90 -10.30
C ILE A 412 10.21 -35.47 -11.46
N PRO A 413 8.93 -35.80 -11.28
CA PRO A 413 8.16 -36.37 -12.39
C PRO A 413 8.01 -35.37 -13.52
N ASN A 414 8.15 -35.85 -14.75
CA ASN A 414 7.99 -34.99 -15.92
C ASN A 414 6.51 -34.76 -16.25
N SER A 415 5.62 -35.61 -15.76
CA SER A 415 4.20 -35.44 -16.07
C SER A 415 3.67 -34.13 -15.54
N ILE A 416 4.02 -33.79 -14.29
CA ILE A 416 3.54 -32.56 -13.68
C ILE A 416 4.10 -31.32 -14.36
N LYS A 417 5.08 -31.48 -15.24
CA LYS A 417 5.77 -30.32 -15.80
C LYS A 417 4.81 -29.41 -16.58
N GLU A 418 3.89 -30.01 -17.33
CA GLU A 418 3.03 -29.20 -18.18
C GLU A 418 2.36 -28.10 -17.37
N CYS A 419 2.39 -26.89 -17.91
CA CYS A 419 1.82 -25.72 -17.23
C CYS A 419 1.10 -24.87 -18.27
N ARG A 420 0.33 -23.91 -17.76
CA ARG A 420 -0.50 -23.05 -18.60
C ARG A 420 0.07 -21.64 -18.61
N SER A 421 -0.01 -21.00 -19.77
CA SER A 421 0.52 -19.66 -19.97
C SER A 421 -0.61 -18.68 -20.27
N LEU A 422 -0.43 -17.45 -19.79
CA LEU A 422 -1.48 -16.43 -19.86
C LEU A 422 -0.87 -15.11 -20.31
N LEU A 423 -1.58 -14.39 -21.17
CA LEU A 423 -1.16 -13.08 -21.61
C LEU A 423 -1.94 -11.99 -20.87
N ILE A 424 -1.21 -11.00 -20.35
CA ILE A 424 -1.79 -9.95 -19.53
C ILE A 424 -1.93 -8.70 -20.38
N PRO A 425 -3.13 -8.22 -20.66
CA PRO A 425 -3.26 -7.07 -21.57
C PRO A 425 -2.68 -5.83 -20.93
N LYS A 426 -1.35 -5.69 -21.03
CA LYS A 426 -0.63 -4.66 -20.29
C LYS A 426 -1.25 -3.28 -20.51
N THR A 427 -1.46 -2.90 -21.77
CA THR A 427 -1.94 -1.56 -22.07
C THR A 427 -3.45 -1.48 -21.88
N ALA A 428 -3.96 -0.25 -21.98
CA ALA A 428 -5.39 0.02 -21.86
C ALA A 428 -6.05 0.30 -23.20
N ASP A 429 -5.39 1.07 -24.06
CA ASP A 429 -5.96 1.40 -25.36
C ASP A 429 -6.08 0.15 -26.22
N PRO A 430 -7.25 -0.12 -26.82
CA PRO A 430 -7.35 -1.30 -27.69
C PRO A 430 -6.36 -1.30 -28.83
N GLU A 431 -6.15 -0.13 -29.45
CA GLU A 431 -5.26 -0.08 -30.61
C GLU A 431 -3.83 -0.41 -30.19
N ALA A 432 -3.41 0.09 -29.03
CA ALA A 432 -2.16 -0.37 -28.45
C ALA A 432 -2.23 -1.85 -28.14
N LEU A 433 -3.36 -2.32 -27.62
CA LEU A 433 -3.50 -3.73 -27.27
C LEU A 433 -3.25 -4.63 -28.47
N LYS A 434 -3.51 -4.14 -29.68
CA LYS A 434 -3.34 -4.97 -30.87
C LYS A 434 -1.93 -5.54 -30.95
N GLU A 435 -0.92 -4.80 -30.49
CA GLU A 435 0.44 -5.31 -30.50
C GLU A 435 0.57 -6.50 -29.57
N LEU A 436 1.69 -7.20 -29.70
CA LEU A 436 2.04 -8.26 -28.75
C LEU A 436 2.93 -7.76 -27.62
N GLY A 437 3.42 -6.53 -27.70
CA GLY A 437 4.20 -5.94 -26.64
C GLY A 437 3.42 -5.54 -25.41
N ASN A 438 2.10 -5.61 -25.46
CA ASN A 438 1.25 -5.26 -24.33
C ASN A 438 0.68 -6.51 -23.65
N TRP A 439 1.48 -7.57 -23.58
CA TRP A 439 1.05 -8.82 -22.98
C TRP A 439 2.21 -9.44 -22.19
N ARG A 440 2.25 -9.17 -20.90
CA ARG A 440 3.19 -9.88 -20.04
C ARG A 440 2.73 -11.32 -19.90
N PRO A 441 3.54 -12.30 -20.27
CA PRO A 441 3.06 -13.68 -20.28
C PRO A 441 3.15 -14.34 -18.91
N LEU A 442 2.01 -14.66 -18.30
CA LEU A 442 2.01 -15.40 -17.04
C LEU A 442 1.95 -16.89 -17.30
N THR A 443 2.78 -17.64 -16.58
CA THR A 443 2.87 -19.08 -16.71
C THR A 443 2.45 -19.69 -15.37
N ILE A 444 1.44 -20.54 -15.40
CA ILE A 444 0.91 -21.19 -14.20
C ILE A 444 1.01 -22.70 -14.40
N GLY A 445 1.65 -23.37 -13.44
CA GLY A 445 1.80 -24.81 -13.48
C GLY A 445 1.03 -25.49 -12.36
N SER A 446 1.31 -26.79 -12.22
CA SER A 446 0.64 -27.56 -11.19
C SER A 446 0.89 -26.95 -9.82
N ILE A 447 -0.20 -26.74 -9.08
CA ILE A 447 -0.07 -26.16 -7.76
C ILE A 447 0.81 -27.03 -6.88
N VAL A 448 0.74 -28.35 -7.06
CA VAL A 448 1.66 -29.23 -6.35
C VAL A 448 3.09 -28.84 -6.63
N LEU A 449 3.41 -28.66 -7.91
CA LEU A 449 4.74 -28.22 -8.29
C LEU A 449 5.06 -26.89 -7.64
N ARG A 450 4.09 -25.99 -7.61
CA ARG A 450 4.33 -24.68 -7.01
C ARG A 450 4.74 -24.81 -5.56
N LEU A 451 4.00 -25.60 -4.80
CA LEU A 451 4.31 -25.76 -3.38
C LEU A 451 5.67 -26.39 -3.18
N PHE A 452 5.96 -27.46 -3.92
CA PHE A 452 7.26 -28.08 -3.78
C PHE A 452 8.37 -27.09 -4.09
N SER A 453 8.15 -26.30 -5.15
CA SER A 453 9.14 -25.31 -5.54
C SER A 453 9.35 -24.30 -4.44
N ARG A 454 8.28 -23.79 -3.84
CA ARG A 454 8.46 -22.80 -2.80
C ARG A 454 9.21 -23.40 -1.61
N ILE A 455 8.93 -24.66 -1.29
CA ILE A 455 9.64 -25.29 -0.18
C ILE A 455 11.14 -25.31 -0.46
N ILE A 456 11.51 -25.84 -1.62
CA ILE A 456 12.91 -25.90 -1.96
C ILE A 456 13.49 -24.50 -2.02
N THR A 457 12.68 -23.55 -2.46
CA THR A 457 13.14 -22.17 -2.59
C THR A 457 13.50 -21.59 -1.23
N ASN A 458 12.67 -21.84 -0.23
CA ASN A 458 12.99 -21.39 1.11
C ASN A 458 14.30 -22.04 1.57
N ARG A 459 14.42 -23.35 1.35
CA ARG A 459 15.65 -24.00 1.74
C ARG A 459 16.86 -23.32 1.11
N LEU A 460 16.77 -23.08 -0.21
CA LEU A 460 17.89 -22.45 -0.91
C LEU A 460 18.15 -21.05 -0.39
N ALA A 461 17.11 -20.23 -0.31
CA ALA A 461 17.29 -18.87 0.16
C ALA A 461 18.05 -18.84 1.47
N LYS A 462 17.72 -19.74 2.39
CA LYS A 462 18.55 -19.85 3.58
C LYS A 462 19.96 -20.28 3.20
N ALA A 463 20.09 -21.21 2.28
CA ALA A 463 21.41 -21.74 1.95
C ALA A 463 22.30 -20.69 1.31
N CYS A 464 21.81 -20.03 0.27
CA CYS A 464 22.64 -19.13 -0.52
C CYS A 464 22.47 -17.69 -0.06
N PRO A 465 23.52 -17.03 0.44
CA PRO A 465 23.37 -15.64 0.87
C PRO A 465 23.57 -14.67 -0.28
N ILE A 466 22.61 -13.78 -0.47
CA ILE A 466 22.70 -12.75 -1.47
C ILE A 466 23.39 -11.53 -0.86
N ASN A 467 23.87 -10.63 -1.72
CA ASN A 467 24.40 -9.37 -1.22
C ASN A 467 23.30 -8.56 -0.56
N ALA A 468 23.69 -7.82 0.49
CA ALA A 468 22.74 -6.96 1.16
C ALA A 468 22.09 -5.98 0.20
N ARG A 469 22.84 -5.53 -0.81
CA ARG A 469 22.35 -4.44 -1.65
C ARG A 469 21.10 -4.81 -2.42
N GLN A 470 20.86 -6.09 -2.66
CA GLN A 470 19.64 -6.52 -3.32
C GLN A 470 18.51 -6.48 -2.31
N ARG A 471 17.61 -5.51 -2.46
CA ARG A 471 16.49 -5.34 -1.56
C ARG A 471 15.21 -5.95 -2.08
N GLY A 472 15.26 -6.69 -3.19
CA GLY A 472 14.07 -7.27 -3.79
C GLY A 472 13.89 -8.71 -3.36
N PHE A 473 12.64 -9.06 -3.07
CA PHE A 473 12.27 -10.45 -2.80
C PHE A 473 12.99 -10.99 -1.57
N ILE A 474 12.97 -10.23 -0.50
CA ILE A 474 13.58 -10.62 0.76
C ILE A 474 12.72 -10.09 1.90
N ALA A 475 13.17 -10.39 3.13
CA ALA A 475 12.37 -10.02 4.30
C ALA A 475 12.37 -8.52 4.55
N THR A 476 13.44 -7.82 4.20
CA THR A 476 13.54 -6.41 4.53
C THR A 476 12.52 -5.60 3.72
N PRO A 477 12.19 -4.40 4.18
CA PRO A 477 11.13 -3.62 3.51
C PRO A 477 11.60 -2.82 2.30
N GLY A 478 12.51 -3.39 1.52
CA GLY A 478 12.64 -3.04 0.11
C GLY A 478 12.47 -1.58 -0.26
N CYS A 479 11.40 -1.34 -1.02
CA CYS A 479 11.24 -0.06 -1.71
C CYS A 479 11.42 1.10 -0.77
N SER A 480 10.84 1.05 0.43
CA SER A 480 10.98 2.16 1.35
C SER A 480 12.45 2.41 1.67
N GLU A 481 13.18 1.34 1.98
CA GLU A 481 14.60 1.48 2.25
C GLU A 481 15.31 2.14 1.09
N ASN A 482 15.10 1.59 -0.12
CA ASN A 482 15.82 2.11 -1.27
C ASN A 482 15.49 3.58 -1.51
N LEU A 483 14.21 3.94 -1.47
CA LEU A 483 13.80 5.30 -1.75
C LEU A 483 14.38 6.25 -0.74
N LYS A 484 14.24 5.93 0.55
CA LYS A 484 14.74 6.83 1.57
C LYS A 484 16.25 6.97 1.44
N ILE A 485 16.95 5.87 1.17
CA ILE A 485 18.39 5.94 1.01
C ILE A 485 18.74 6.85 -0.16
N LEU A 486 18.04 6.71 -1.28
CA LEU A 486 18.35 7.52 -2.44
C LEU A 486 18.15 9.01 -2.12
N HIS A 487 17.00 9.35 -1.57
CA HIS A 487 16.73 10.73 -1.20
C HIS A 487 17.80 11.27 -0.29
N THR A 488 18.07 10.57 0.80
CA THR A 488 19.14 10.97 1.68
C THR A 488 20.41 11.23 0.89
N ILE A 489 20.94 10.21 0.24
CA ILE A 489 22.17 10.32 -0.52
C ILE A 489 22.19 11.62 -1.30
N VAL A 490 21.09 11.92 -2.01
CA VAL A 490 21.07 13.13 -2.82
C VAL A 490 21.23 14.36 -1.94
N LYS A 491 20.44 14.46 -0.89
CA LYS A 491 20.48 15.64 -0.04
C LYS A 491 21.85 15.78 0.60
N GLN A 492 22.37 14.66 1.10
CA GLN A 492 23.68 14.60 1.73
C GLN A 492 24.74 15.12 0.78
N ALA A 493 24.72 14.63 -0.46
CA ALA A 493 25.69 15.06 -1.44
C ALA A 493 25.60 16.57 -1.66
N LYS A 494 24.38 17.05 -1.92
CA LYS A 494 24.22 18.48 -2.19
C LYS A 494 24.79 19.29 -1.03
N THR A 495 24.47 18.90 0.19
CA THR A 495 24.98 19.61 1.35
C THR A 495 26.50 19.55 1.41
N SER A 496 27.06 18.38 1.19
CA SER A 496 28.49 18.14 1.36
C SER A 496 29.34 18.85 0.32
N LYS A 497 28.73 19.40 -0.72
CA LYS A 497 29.47 20.13 -1.75
C LYS A 497 30.50 19.20 -2.41
N LYS A 498 29.97 18.12 -3.00
CA LYS A 498 30.80 17.13 -3.66
C LYS A 498 30.08 16.61 -4.89
N SER A 499 30.81 16.53 -6.00
CA SER A 499 30.22 16.03 -7.22
C SER A 499 29.78 14.57 -7.04
N LEU A 500 28.81 14.16 -7.84
CA LEU A 500 28.32 12.80 -7.79
C LEU A 500 27.55 12.49 -9.05
N GLY A 501 27.66 11.26 -9.50
CA GLY A 501 26.96 10.79 -10.69
C GLY A 501 25.92 9.74 -10.33
N VAL A 502 24.79 9.80 -11.03
CA VAL A 502 23.69 8.87 -10.81
C VAL A 502 23.31 8.30 -12.17
N VAL A 503 23.23 6.97 -12.25
CA VAL A 503 22.90 6.29 -13.49
C VAL A 503 21.85 5.24 -13.19
N PHE A 504 20.64 5.45 -13.70
CA PHE A 504 19.62 4.41 -13.67
C PHE A 504 19.89 3.42 -14.79
N VAL A 505 19.66 2.15 -14.50
CA VAL A 505 19.88 1.07 -15.45
C VAL A 505 18.65 0.19 -15.49
N ASP A 506 18.40 -0.43 -16.63
CA ASP A 506 17.28 -1.35 -16.77
C ASP A 506 17.52 -2.23 -17.99
N ILE A 507 17.64 -3.53 -17.77
CA ILE A 507 17.81 -4.48 -18.85
C ILE A 507 16.44 -5.06 -19.21
N ALA A 508 16.26 -5.41 -20.47
CA ALA A 508 15.01 -5.99 -20.94
C ALA A 508 15.01 -7.50 -20.70
N LYS A 509 13.81 -8.07 -20.70
CA LYS A 509 13.64 -9.52 -20.59
C LYS A 509 14.44 -10.06 -19.41
N ALA A 510 14.33 -9.37 -18.28
CA ALA A 510 15.12 -9.71 -17.11
C ALA A 510 14.99 -11.18 -16.78
N PHE A 511 13.76 -11.68 -16.74
CA PHE A 511 13.48 -13.05 -16.37
C PHE A 511 13.31 -13.95 -17.58
N ASP A 512 13.41 -13.39 -18.78
CA ASP A 512 12.99 -14.10 -19.98
C ASP A 512 14.18 -14.44 -20.85
N SER A 513 15.04 -13.45 -21.08
CA SER A 513 16.24 -13.67 -21.87
C SER A 513 17.19 -14.68 -21.22
N VAL A 514 17.05 -14.89 -19.92
CA VAL A 514 17.91 -15.80 -19.18
C VAL A 514 17.93 -17.17 -19.82
N SER A 515 19.13 -17.66 -20.14
CA SER A 515 19.34 -18.98 -20.73
C SER A 515 19.60 -20.01 -19.62
N HIS A 516 18.87 -21.10 -19.65
CA HIS A 516 18.96 -22.08 -18.56
C HIS A 516 20.41 -22.50 -18.32
N ASP A 517 21.19 -22.58 -19.39
CA ASP A 517 22.55 -23.08 -19.28
C ASP A 517 23.40 -22.18 -18.40
N HIS A 518 23.22 -20.86 -18.52
CA HIS A 518 24.06 -19.95 -17.76
C HIS A 518 23.77 -20.05 -16.28
N ILE A 519 22.51 -20.20 -15.91
CA ILE A 519 22.20 -20.36 -14.49
C ILE A 519 22.72 -21.70 -13.99
N MET A 520 22.63 -22.74 -14.83
CA MET A 520 23.30 -23.98 -14.48
C MET A 520 24.71 -23.64 -14.05
N TRP A 521 25.46 -23.02 -14.96
CA TRP A 521 26.84 -22.66 -14.67
C TRP A 521 26.95 -21.91 -13.36
N VAL A 522 26.14 -20.87 -13.18
CA VAL A 522 26.27 -19.98 -12.04
C VAL A 522 26.18 -20.82 -10.78
N LEU A 523 25.18 -21.68 -10.72
CA LEU A 523 25.02 -22.51 -9.54
C LEU A 523 26.23 -23.41 -9.32
N GLN A 524 26.96 -23.71 -10.39
CA GLN A 524 28.01 -24.70 -10.29
C GLN A 524 29.09 -24.27 -9.32
N GLU A 525 29.40 -22.99 -9.28
CA GLU A 525 30.47 -22.52 -8.41
C GLU A 525 29.96 -22.03 -7.06
N ARG A 526 28.66 -21.75 -6.94
CA ARG A 526 28.15 -21.20 -5.69
C ARG A 526 28.42 -22.13 -4.51
N GLY A 527 28.33 -23.43 -4.73
CA GLY A 527 28.33 -24.37 -3.63
C GLY A 527 27.00 -25.08 -3.49
N LEU A 528 26.90 -26.31 -3.99
CA LEU A 528 25.64 -27.05 -3.91
C LEU A 528 25.89 -28.52 -4.20
N ASP A 529 25.24 -29.38 -3.43
CA ASP A 529 25.32 -30.81 -3.67
C ASP A 529 24.74 -31.14 -5.04
N GLN A 530 25.42 -32.03 -5.75
CA GLN A 530 24.98 -32.39 -7.09
C GLN A 530 23.54 -32.89 -7.08
N HIS A 531 23.12 -33.48 -5.97
CA HIS A 531 21.75 -33.95 -5.88
C HIS A 531 20.82 -32.80 -6.24
N ILE A 532 20.87 -31.72 -5.46
CA ILE A 532 19.96 -30.60 -5.69
C ILE A 532 20.24 -29.97 -7.04
N VAL A 533 21.49 -29.98 -7.46
CA VAL A 533 21.86 -29.43 -8.76
C VAL A 533 20.99 -30.09 -9.83
N ASN A 534 21.14 -31.41 -9.93
CA ASN A 534 20.37 -32.17 -10.92
C ASN A 534 18.89 -32.00 -10.68
N ILE A 535 18.47 -31.90 -9.43
CA ILE A 535 17.06 -31.73 -9.13
C ILE A 535 16.52 -30.48 -9.80
N ILE A 536 17.23 -29.37 -9.61
CA ILE A 536 16.80 -28.11 -10.21
C ILE A 536 16.84 -28.21 -11.72
N GLU A 537 17.90 -28.81 -12.25
CA GLU A 537 17.96 -28.99 -13.70
C GLU A 537 16.71 -29.68 -14.19
N ASP A 538 16.36 -30.80 -13.58
CA ASP A 538 15.18 -31.54 -13.97
C ASP A 538 13.94 -30.66 -13.84
N SER A 539 13.86 -29.93 -12.74
CA SER A 539 12.76 -28.99 -12.56
C SER A 539 12.61 -28.09 -13.76
N TYR A 540 13.73 -27.64 -14.32
CA TYR A 540 13.73 -26.79 -15.49
C TYR A 540 14.06 -27.56 -16.76
N LYS A 541 13.97 -28.89 -16.70
CA LYS A 541 14.19 -29.74 -17.86
C LYS A 541 12.86 -30.27 -18.36
N LYS A 542 12.70 -30.28 -19.68
CA LYS A 542 11.45 -30.68 -20.32
C LYS A 542 10.28 -29.88 -19.75
N ILE A 543 10.28 -28.60 -20.10
CA ILE A 543 9.31 -27.63 -19.62
C ILE A 543 8.36 -27.26 -20.75
N HIS A 544 7.24 -27.95 -20.85
CA HIS A 544 6.23 -27.64 -21.86
C HIS A 544 5.07 -26.88 -21.24
N THR A 545 4.42 -26.08 -22.07
CA THR A 545 3.26 -25.31 -21.64
C THR A 545 2.42 -25.02 -22.89
N ARG A 546 1.18 -24.62 -22.64
CA ARG A 546 0.25 -24.29 -23.72
C ARG A 546 -0.33 -22.92 -23.43
N MET A 547 -0.51 -22.11 -24.48
CA MET A 547 -0.92 -20.74 -24.29
C MET A 547 -2.44 -20.60 -24.24
N GLU A 548 -3.00 -20.61 -23.03
CA GLU A 548 -4.44 -20.46 -22.87
C GLU A 548 -4.90 -19.13 -23.45
N VAL A 549 -5.88 -19.19 -24.35
CA VAL A 549 -6.45 -18.01 -24.97
C VAL A 549 -7.89 -18.31 -25.36
N GLY A 550 -8.83 -17.52 -24.84
CA GLY A 550 -10.23 -17.67 -25.21
C GLY A 550 -10.67 -19.11 -25.19
N THR A 551 -10.99 -19.63 -26.36
CA THR A 551 -11.39 -21.02 -26.54
C THR A 551 -10.28 -21.82 -27.20
N GLU A 552 -9.03 -21.52 -26.85
CA GLU A 552 -7.92 -22.24 -27.48
C GLU A 552 -6.63 -22.09 -26.67
N ARG A 553 -5.89 -23.18 -26.52
CA ARG A 553 -4.57 -23.19 -25.91
C ARG A 553 -3.59 -23.80 -26.91
N THR A 554 -2.56 -23.05 -27.25
CA THR A 554 -1.64 -23.48 -28.29
C THR A 554 -1.02 -24.81 -27.93
N PRO A 555 -0.69 -25.66 -28.90
CA PRO A 555 0.03 -26.91 -28.59
C PRO A 555 1.29 -26.62 -27.80
N PRO A 556 1.95 -27.65 -27.29
CA PRO A 556 3.03 -27.45 -26.33
C PRO A 556 4.17 -26.62 -26.88
N ILE A 557 4.80 -25.85 -25.98
CA ILE A 557 5.97 -25.05 -26.28
C ILE A 557 7.03 -25.37 -25.24
N GLU A 558 8.22 -25.74 -25.70
CA GLU A 558 9.26 -26.19 -24.77
C GLU A 558 10.07 -24.99 -24.31
N ILE A 559 9.95 -24.64 -23.04
CA ILE A 559 10.66 -23.50 -22.48
C ILE A 559 12.14 -23.82 -22.37
N LYS A 560 12.96 -23.10 -23.13
CA LYS A 560 14.40 -23.29 -23.10
C LYS A 560 15.15 -22.07 -22.59
N VAL A 561 14.52 -20.91 -22.57
CA VAL A 561 15.13 -19.68 -22.08
C VAL A 561 14.06 -18.89 -21.35
N GLY A 562 14.47 -18.22 -20.28
CA GLY A 562 13.52 -17.51 -19.45
C GLY A 562 13.03 -18.37 -18.31
N VAL A 563 13.25 -17.92 -17.08
CA VAL A 563 12.78 -18.65 -15.90
C VAL A 563 11.26 -18.72 -15.95
N LYS A 564 10.71 -19.84 -15.50
CA LYS A 564 9.27 -20.04 -15.51
C LYS A 564 8.58 -18.90 -14.79
N GLN A 565 7.82 -18.09 -15.52
CA GLN A 565 7.15 -16.95 -14.91
C GLN A 565 6.00 -17.41 -14.05
N GLY A 566 6.20 -17.38 -12.73
CA GLY A 566 5.20 -17.85 -11.79
C GLY A 566 5.82 -18.78 -10.77
N ASP A 567 6.83 -19.53 -11.19
CA ASP A 567 7.48 -20.46 -10.29
C ASP A 567 8.16 -19.69 -9.17
N PRO A 568 8.00 -20.12 -7.91
CA PRO A 568 8.60 -19.36 -6.81
C PRO A 568 10.11 -19.24 -6.93
N MET A 569 10.73 -20.16 -7.65
CA MET A 569 12.18 -20.14 -7.78
C MET A 569 12.65 -18.92 -8.55
N SER A 570 11.92 -18.54 -9.60
CA SER A 570 12.44 -17.57 -10.56
C SER A 570 13.04 -16.36 -9.85
N PRO A 571 12.38 -15.79 -8.86
CA PRO A 571 13.00 -14.66 -8.15
C PRO A 571 14.38 -14.99 -7.62
N LEU A 572 14.46 -16.08 -6.86
CA LEU A 572 15.70 -16.46 -6.21
C LEU A 572 16.78 -16.71 -7.25
N LEU A 573 16.43 -17.47 -8.29
CA LEU A 573 17.39 -17.83 -9.31
C LEU A 573 17.92 -16.60 -10.01
N PHE A 574 17.02 -15.68 -10.35
CA PHE A 574 17.42 -14.45 -11.01
C PHE A 574 18.37 -13.65 -10.14
N ASN A 575 17.99 -13.47 -8.87
CA ASN A 575 18.89 -12.76 -7.96
C ASN A 575 20.24 -13.42 -7.91
N LEU A 576 20.25 -14.76 -7.89
CA LEU A 576 21.50 -15.49 -7.82
C LEU A 576 22.38 -15.18 -9.03
N ALA A 577 21.78 -15.24 -10.22
CA ALA A 577 22.54 -14.96 -11.43
C ALA A 577 23.00 -13.51 -11.48
N ILE A 578 22.30 -12.62 -10.78
CA ILE A 578 22.64 -11.21 -10.85
C ILE A 578 23.71 -10.84 -9.83
N ASP A 579 23.83 -11.63 -8.77
CA ASP A 579 24.77 -11.30 -7.69
C ASP A 579 26.15 -10.96 -8.22
N PRO A 580 26.69 -11.76 -9.15
CA PRO A 580 28.08 -11.54 -9.57
C PRO A 580 28.32 -10.10 -10.01
N LEU A 581 27.35 -9.52 -10.70
CA LEU A 581 27.45 -8.13 -11.09
C LEU A 581 27.68 -7.24 -9.89
N ILE A 582 26.82 -7.38 -8.89
CA ILE A 582 26.87 -6.51 -7.72
C ILE A 582 28.24 -6.67 -7.10
N THR A 583 28.67 -7.92 -6.96
CA THR A 583 29.99 -8.17 -6.41
C THR A 583 31.03 -7.38 -7.17
N ALA A 584 31.17 -7.66 -8.46
CA ALA A 584 32.22 -7.01 -9.25
C ALA A 584 32.17 -5.51 -9.07
N LEU A 585 30.98 -4.93 -9.12
CA LEU A 585 30.86 -3.49 -8.94
C LEU A 585 31.49 -3.05 -7.64
N GLU A 586 31.17 -3.75 -6.55
CA GLU A 586 31.79 -3.41 -5.28
C GLU A 586 33.29 -3.62 -5.33
N LYS A 587 33.73 -4.65 -6.06
CA LYS A 587 35.16 -4.87 -6.24
C LYS A 587 35.82 -3.65 -6.84
N ALA A 588 35.11 -2.94 -7.72
CA ALA A 588 35.64 -1.68 -8.23
C ALA A 588 35.88 -0.68 -7.11
N ASN A 589 35.05 -0.71 -6.07
CA ASN A 589 35.14 0.21 -4.94
C ASN A 589 35.50 1.61 -5.41
N THR A 590 34.68 2.15 -6.31
CA THR A 590 34.85 3.52 -6.78
C THR A 590 33.55 4.30 -6.64
N GLY A 591 32.62 3.80 -5.83
CA GLY A 591 31.34 4.43 -5.64
C GLY A 591 31.42 5.63 -4.72
N PHE A 592 30.27 6.27 -4.54
CA PHE A 592 30.22 7.46 -3.70
C PHE A 592 30.74 7.12 -2.30
N SER A 593 31.76 7.85 -1.87
CA SER A 593 32.45 7.57 -0.61
C SER A 593 31.70 8.24 0.53
N TYR A 594 30.48 7.75 0.78
CA TYR A 594 29.74 8.21 1.93
C TYR A 594 30.47 7.82 3.21
N GLY A 595 31.02 8.81 3.92
CA GLY A 595 31.83 8.47 5.05
C GLY A 595 32.95 7.54 4.64
N LYS A 596 33.09 6.45 5.39
CA LYS A 596 34.07 5.43 5.03
C LYS A 596 33.61 4.64 3.81
N ASN A 597 32.35 4.25 3.79
CA ASN A 597 31.87 3.34 2.75
C ASN A 597 31.87 4.02 1.38
N LYS A 598 32.30 3.29 0.37
CA LYS A 598 32.19 3.73 -1.01
C LYS A 598 31.01 3.03 -1.68
N ILE A 599 29.81 3.33 -1.21
CA ILE A 599 28.61 2.73 -1.76
C ILE A 599 28.63 2.91 -3.27
N THR A 600 28.41 1.83 -4.00
CA THR A 600 28.52 1.86 -5.45
C THR A 600 27.16 1.95 -6.12
N SER A 601 26.23 1.08 -5.74
CA SER A 601 24.93 1.04 -6.38
C SER A 601 23.94 0.34 -5.48
N LEU A 602 22.67 0.67 -5.66
CA LEU A 602 21.58 -0.02 -5.02
C LEU A 602 21.03 -1.09 -5.96
N ALA A 603 20.16 -1.94 -5.43
CA ALA A 603 19.61 -3.02 -6.21
C ALA A 603 18.24 -3.40 -5.67
N PHE A 604 17.32 -3.66 -6.59
CA PHE A 604 16.01 -4.19 -6.25
C PHE A 604 15.55 -5.08 -7.38
N ALA A 605 15.35 -6.36 -7.09
CA ALA A 605 15.00 -7.32 -8.12
C ALA A 605 15.95 -7.15 -9.30
N ASP A 606 15.45 -6.64 -10.43
CA ASP A 606 16.28 -6.39 -11.60
C ASP A 606 16.77 -4.94 -11.66
N ASP A 607 15.92 -4.00 -11.29
CA ASP A 607 16.27 -2.59 -11.40
C ASP A 607 17.43 -2.26 -10.49
N LEU A 608 18.33 -1.40 -10.98
CA LEU A 608 19.49 -1.00 -10.22
C LEU A 608 20.00 0.34 -10.73
N VAL A 609 20.89 0.93 -9.95
CA VAL A 609 21.45 2.25 -10.26
C VAL A 609 22.96 2.15 -10.18
N MET A 610 23.64 3.28 -10.33
CA MET A 610 25.09 3.30 -10.21
C MET A 610 25.48 4.65 -9.62
N LEU A 611 26.26 4.63 -8.54
CA LEU A 611 26.60 5.82 -7.76
C LEU A 611 28.11 5.93 -7.67
N SER A 612 28.72 6.58 -8.67
CA SER A 612 30.15 6.84 -8.64
C SER A 612 30.41 8.23 -8.06
N ASP A 613 31.64 8.68 -8.15
CA ASP A 613 32.00 10.01 -7.67
C ASP A 613 32.44 10.93 -8.78
N THR A 614 32.96 10.40 -9.88
CA THR A 614 33.46 11.20 -10.98
C THR A 614 32.90 10.66 -12.29
N TRP A 615 32.73 11.55 -13.27
CA TRP A 615 32.20 11.14 -14.56
C TRP A 615 32.99 9.96 -15.09
N GLU A 616 34.31 10.02 -14.92
CA GLU A 616 35.17 8.95 -15.39
C GLU A 616 35.01 7.70 -14.54
N GLY A 617 34.80 7.86 -13.24
CA GLY A 617 34.48 6.71 -12.42
C GLY A 617 33.24 6.01 -12.91
N MET A 618 32.22 6.79 -13.25
CA MET A 618 31.01 6.23 -13.82
C MET A 618 31.31 5.54 -15.15
N ASN A 619 32.22 6.11 -15.93
CA ASN A 619 32.61 5.47 -17.18
C ASN A 619 33.20 4.09 -16.91
N LYS A 620 34.10 4.02 -15.92
CA LYS A 620 34.64 2.74 -15.50
C LYS A 620 33.51 1.77 -15.17
N ASN A 621 32.56 2.24 -14.37
CA ASN A 621 31.42 1.42 -13.99
C ASN A 621 30.73 0.89 -15.24
N ILE A 622 30.59 1.75 -16.24
CA ILE A 622 29.87 1.38 -17.44
C ILE A 622 30.62 0.31 -18.21
N GLN A 623 31.94 0.44 -18.28
CA GLN A 623 32.72 -0.59 -18.95
C GLN A 623 32.52 -1.92 -18.24
N ILE A 624 32.51 -1.90 -16.92
CA ILE A 624 32.26 -3.13 -16.17
C ILE A 624 30.91 -3.71 -16.57
N LEU A 625 29.89 -2.86 -16.61
CA LEU A 625 28.55 -3.30 -16.95
C LEU A 625 28.50 -3.91 -18.34
N GLU A 626 29.15 -3.24 -19.28
CA GLU A 626 29.15 -3.68 -20.67
C GLU A 626 29.79 -5.06 -20.72
N THR A 627 30.89 -5.23 -20.00
CA THR A 627 31.51 -6.54 -19.92
C THR A 627 30.53 -7.57 -19.39
N PHE A 628 29.79 -7.21 -18.35
CA PHE A 628 28.84 -8.14 -17.77
C PHE A 628 27.84 -8.58 -18.82
N CYS A 629 27.30 -7.61 -19.55
CA CYS A 629 26.31 -7.93 -20.57
C CYS A 629 26.94 -8.85 -21.60
N ASN A 630 28.19 -8.56 -21.96
CA ASN A 630 28.89 -9.34 -22.96
C ASN A 630 28.93 -10.80 -22.52
N LEU A 631 29.35 -11.03 -21.28
CA LEU A 631 29.43 -12.38 -20.75
C LEU A 631 28.03 -12.94 -20.74
N SER A 632 27.03 -12.20 -20.28
CA SER A 632 25.67 -12.71 -20.15
C SER A 632 24.93 -12.67 -21.48
N GLY A 633 25.45 -11.90 -22.43
CA GLY A 633 24.73 -11.67 -23.66
C GLY A 633 23.42 -10.95 -23.38
N LEU A 634 23.44 -10.02 -22.44
CA LEU A 634 22.28 -9.23 -22.09
C LEU A 634 22.27 -7.92 -22.86
N LYS A 635 21.09 -7.32 -22.96
CA LYS A 635 20.84 -6.18 -23.83
C LYS A 635 20.28 -5.03 -23.02
N VAL A 636 21.09 -4.00 -22.80
CA VAL A 636 20.63 -2.77 -22.18
C VAL A 636 20.66 -1.66 -23.22
N GLN A 637 19.82 -0.64 -23.02
CA GLN A 637 19.71 0.46 -23.97
C GLN A 637 19.62 1.77 -23.22
N ALA A 638 20.08 2.84 -23.87
CA ALA A 638 20.02 4.15 -23.25
C ALA A 638 18.58 4.56 -22.97
N LYS A 639 17.71 4.32 -23.94
CA LYS A 639 16.30 4.68 -23.79
C LYS A 639 15.72 3.92 -22.60
N LYS A 640 16.08 2.65 -22.47
CA LYS A 640 15.64 1.86 -21.34
C LYS A 640 16.24 2.34 -20.02
N CYS A 641 17.13 3.34 -20.07
CA CYS A 641 17.83 3.76 -18.87
C CYS A 641 17.88 5.28 -18.81
N TYR A 642 18.10 5.79 -17.60
CA TYR A 642 18.22 7.22 -17.36
C TYR A 642 19.41 7.47 -16.44
N GLY A 643 19.79 8.74 -16.34
CA GLY A 643 20.89 9.12 -15.48
C GLY A 643 21.02 10.62 -15.40
N PHE A 644 21.90 11.06 -14.49
CA PHE A 644 22.15 12.49 -14.30
C PHE A 644 23.33 12.68 -13.36
N PHE A 645 23.97 13.85 -13.42
CA PHE A 645 25.18 14.12 -12.67
C PHE A 645 25.03 15.38 -11.82
N LEU A 646 25.77 15.42 -10.72
CA LEU A 646 25.77 16.55 -9.81
C LEU A 646 27.16 17.13 -9.67
N SER A 647 27.24 18.45 -9.54
CA SER A 647 28.52 19.15 -9.46
C SER A 647 28.38 20.33 -8.52
N PRO A 648 29.22 20.44 -7.49
CA PRO A 648 29.07 21.52 -6.53
C PRO A 648 29.61 22.84 -7.07
N THR A 649 29.10 23.93 -6.48
CA THR A 649 29.51 25.28 -6.79
C THR A 649 30.00 25.94 -5.50
N HIS A 650 30.37 27.22 -5.58
CA HIS A 650 30.69 27.95 -4.36
C HIS A 650 29.51 27.98 -3.41
N ASP A 651 28.31 28.10 -3.95
CA ASP A 651 27.11 28.25 -3.13
C ASP A 651 26.16 27.07 -3.29
N SER A 652 25.76 26.76 -4.51
CA SER A 652 24.77 25.73 -4.76
C SER A 652 25.33 24.61 -5.61
N TYR A 653 24.47 23.72 -6.07
CA TYR A 653 24.86 22.56 -6.85
C TYR A 653 24.36 22.71 -8.28
N THR A 654 25.16 22.26 -9.23
CA THR A 654 24.76 22.22 -10.63
C THR A 654 24.48 20.79 -11.08
N ILE A 655 23.48 20.66 -11.95
CA ILE A 655 22.96 19.37 -12.37
C ILE A 655 23.27 19.18 -13.84
N ASN A 656 23.75 17.98 -14.20
CA ASN A 656 23.95 17.62 -15.60
C ASN A 656 24.95 18.55 -16.28
N LYS A 657 25.76 19.25 -15.49
CA LYS A 657 26.68 20.20 -16.07
C LYS A 657 27.67 19.53 -17.02
N CYS A 658 27.95 18.25 -16.83
CA CYS A 658 28.92 17.55 -17.64
C CYS A 658 28.23 16.89 -18.83
N ASP A 659 28.94 16.03 -19.55
CA ASP A 659 28.39 15.36 -20.71
C ASP A 659 27.48 14.21 -20.31
N ALA A 660 26.50 13.93 -21.17
CA ALA A 660 25.69 12.74 -21.02
C ALA A 660 26.53 11.51 -21.31
N TRP A 661 26.20 10.41 -20.63
CA TRP A 661 27.04 9.24 -20.72
C TRP A 661 26.79 8.51 -22.04
N LYS A 662 27.37 7.32 -22.16
CA LYS A 662 27.28 6.53 -23.38
C LYS A 662 26.98 5.08 -23.05
N ILE A 663 25.95 4.87 -22.22
CA ILE A 663 25.49 3.52 -21.92
C ILE A 663 25.33 2.74 -23.21
N ASP A 664 25.83 1.51 -23.22
CA ASP A 664 25.77 0.65 -24.39
C ASP A 664 26.05 1.44 -25.65
N LYS A 665 27.03 2.35 -25.55
CA LYS A 665 27.43 3.21 -26.65
C LYS A 665 26.35 4.20 -27.05
N ASP A 666 25.36 4.41 -26.20
CA ASP A 666 24.25 5.30 -26.49
C ASP A 666 24.14 6.35 -25.41
N SER A 667 23.73 7.55 -25.82
CA SER A 667 23.57 8.65 -24.88
C SER A 667 22.48 8.30 -23.89
N LEU A 668 22.86 8.00 -22.65
CA LEU A 668 21.87 7.78 -21.61
C LEU A 668 20.98 9.00 -21.50
N ASN A 669 19.67 8.78 -21.52
CA ASN A 669 18.72 9.87 -21.49
C ASN A 669 18.85 10.56 -20.12
N MET A 670 19.21 11.83 -20.15
CA MET A 670 19.45 12.58 -18.93
C MET A 670 18.18 13.26 -18.43
N ILE A 671 18.14 13.47 -17.12
CA ILE A 671 17.03 14.16 -16.46
C ILE A 671 17.47 15.60 -16.22
N GLN A 672 16.61 16.51 -16.55
CA GLN A 672 16.90 17.91 -16.29
C GLN A 672 16.00 18.46 -15.20
N PRO A 673 16.34 19.61 -14.61
CA PRO A 673 15.50 20.16 -13.56
C PRO A 673 14.05 20.25 -14.01
N GLY A 674 13.15 19.83 -13.12
CA GLY A 674 11.75 19.72 -13.43
C GLY A 674 11.35 18.39 -14.02
N GLU A 675 12.27 17.74 -14.73
CA GLU A 675 11.96 16.43 -15.31
C GLU A 675 11.97 15.35 -14.22
N SER A 676 11.01 14.45 -14.33
CA SER A 676 10.87 13.34 -13.38
C SER A 676 10.75 12.04 -14.15
N GLU A 677 11.44 11.01 -13.68
CA GLU A 677 11.36 9.68 -14.27
C GLU A 677 10.92 8.70 -13.20
N LYS A 678 9.98 7.83 -13.54
CA LYS A 678 9.37 7.01 -12.52
C LYS A 678 10.37 5.99 -11.99
N TYR A 679 10.28 5.72 -10.70
CA TYR A 679 11.16 4.77 -10.04
C TYR A 679 10.40 4.19 -8.86
N LEU A 680 10.11 2.90 -8.90
CA LEU A 680 9.36 2.26 -7.84
C LEU A 680 8.04 3.00 -7.60
N GLY A 681 7.46 3.50 -8.69
CA GLY A 681 6.24 4.26 -8.60
C GLY A 681 6.42 5.71 -8.21
N LEU A 682 7.62 6.11 -7.80
CA LEU A 682 7.87 7.49 -7.43
C LEU A 682 8.23 8.30 -8.68
N LYS A 683 8.59 9.56 -8.50
CA LYS A 683 8.80 10.47 -9.61
C LYS A 683 10.09 11.25 -9.40
N VAL A 684 11.18 10.52 -9.15
CA VAL A 684 12.46 11.11 -8.78
C VAL A 684 12.78 12.30 -9.67
N ASP A 685 13.04 13.44 -9.04
CA ASP A 685 13.47 14.66 -9.73
C ASP A 685 14.79 15.11 -9.12
N PRO A 686 15.85 15.22 -9.92
CA PRO A 686 17.13 15.67 -9.34
C PRO A 686 17.04 17.02 -8.65
N TRP A 687 16.23 17.93 -9.18
CA TRP A 687 16.12 19.25 -8.57
C TRP A 687 15.63 19.15 -7.14
N ILE A 688 14.57 18.37 -6.91
CA ILE A 688 13.92 18.32 -5.60
C ILE A 688 13.85 16.89 -5.10
N GLY A 689 14.79 16.05 -5.51
CA GLY A 689 14.70 14.67 -5.10
C GLY A 689 13.44 14.05 -5.65
N PHE A 690 12.45 13.85 -4.80
CA PHE A 690 11.17 13.30 -5.22
C PHE A 690 10.24 14.43 -5.64
N SER A 691 9.64 14.29 -6.83
CA SER A 691 8.64 15.24 -7.25
C SER A 691 7.40 15.12 -6.39
N LYS A 692 6.79 16.24 -6.05
CA LYS A 692 5.62 16.20 -5.21
C LYS A 692 4.51 15.43 -5.93
N PRO A 693 3.97 14.37 -5.33
CA PRO A 693 2.97 13.58 -6.03
C PRO A 693 1.68 14.37 -6.21
N VAL A 694 0.96 14.04 -7.28
CA VAL A 694 -0.32 14.70 -7.57
C VAL A 694 -1.38 13.91 -6.83
N LEU A 695 -1.53 14.23 -5.55
CA LEU A 695 -2.46 13.51 -4.70
C LEU A 695 -3.88 14.03 -4.85
N ALA A 696 -4.06 15.35 -4.76
CA ALA A 696 -5.39 15.92 -4.84
C ALA A 696 -6.08 15.52 -6.13
N GLU A 697 -5.33 15.49 -7.22
CA GLU A 697 -5.94 15.26 -8.53
C GLU A 697 -6.50 13.85 -8.61
N LYS A 698 -5.65 12.86 -8.33
CA LYS A 698 -6.11 11.48 -8.35
C LYS A 698 -7.23 11.28 -7.37
N LEU A 699 -7.11 11.90 -6.19
CA LEU A 699 -8.13 11.74 -5.17
C LEU A 699 -9.47 12.23 -5.66
N THR A 700 -9.50 13.44 -6.22
CA THR A 700 -10.74 14.00 -6.72
C THR A 700 -11.31 13.14 -7.84
N ILE A 701 -10.44 12.67 -8.72
CA ILE A 701 -10.90 11.84 -9.82
C ILE A 701 -11.57 10.58 -9.29
N TRP A 702 -10.95 9.94 -8.33
CA TRP A 702 -11.53 8.72 -7.77
C TRP A 702 -12.86 9.02 -7.11
N LEU A 703 -12.93 10.12 -6.36
CA LEU A 703 -14.18 10.44 -5.68
C LEU A 703 -15.27 10.70 -6.71
N LYS A 704 -14.95 11.42 -7.78
CA LYS A 704 -15.92 11.61 -8.84
C LYS A 704 -16.42 10.28 -9.38
N ARG A 705 -15.49 9.39 -9.74
CA ARG A 705 -15.89 8.12 -10.32
C ARG A 705 -16.82 7.39 -9.37
N LEU A 706 -16.47 7.32 -8.10
CA LEU A 706 -17.34 6.66 -7.13
C LEU A 706 -18.70 7.32 -7.07
N THR A 707 -18.72 8.65 -7.02
CA THR A 707 -19.98 9.36 -6.86
C THR A 707 -20.95 9.03 -7.98
N GLU A 708 -20.42 8.89 -9.19
CA GLU A 708 -21.24 8.75 -10.39
C GLU A 708 -21.46 7.30 -10.78
N ALA A 709 -21.98 6.49 -9.85
CA ALA A 709 -22.17 5.08 -10.11
C ALA A 709 -23.33 4.53 -9.29
N PRO A 710 -23.88 3.37 -9.69
CA PRO A 710 -24.96 2.76 -8.91
C PRO A 710 -24.44 2.00 -7.71
N LEU A 711 -24.13 2.71 -6.62
CA LEU A 711 -23.35 2.18 -5.52
C LEU A 711 -23.97 2.56 -4.17
N LYS A 712 -25.24 2.22 -3.98
CA LYS A 712 -26.11 2.86 -2.99
C LYS A 712 -25.31 3.31 -1.76
N PRO A 713 -25.56 4.53 -1.28
CA PRO A 713 -24.56 5.27 -0.50
C PRO A 713 -23.71 4.43 0.43
N SER A 714 -24.34 3.57 1.21
CA SER A 714 -23.58 2.69 2.10
C SER A 714 -22.50 1.97 1.30
N GLN A 715 -22.85 1.52 0.10
CA GLN A 715 -21.88 0.84 -0.75
C GLN A 715 -20.75 1.78 -1.14
N LYS A 716 -21.07 3.05 -1.42
CA LYS A 716 -20.02 4.02 -1.70
C LYS A 716 -19.05 4.11 -0.54
N LEU A 717 -19.57 4.23 0.68
CA LEU A 717 -18.68 4.33 1.83
C LEU A 717 -17.83 3.08 1.95
N THR A 718 -18.44 1.92 1.74
CA THR A 718 -17.70 0.67 1.89
C THR A 718 -16.55 0.62 0.90
N MET A 719 -16.86 0.83 -0.38
CA MET A 719 -15.82 0.87 -1.39
C MET A 719 -14.73 1.84 -0.98
N LEU A 720 -15.12 3.04 -0.58
CA LEU A 720 -14.14 4.06 -0.24
C LEU A 720 -13.19 3.51 0.80
N ASN A 721 -13.72 3.30 2.00
CA ASN A 721 -12.87 2.99 3.13
C ASN A 721 -12.03 1.75 2.90
N ILE A 722 -12.59 0.77 2.18
CA ILE A 722 -11.91 -0.52 2.13
C ILE A 722 -10.99 -0.68 0.93
N TYR A 723 -11.14 0.15 -0.10
CA TYR A 723 -10.34 -0.07 -1.30
C TYR A 723 -9.59 1.17 -1.75
N THR A 724 -10.21 2.34 -1.65
CA THR A 724 -9.58 3.51 -2.27
C THR A 724 -8.40 4.02 -1.46
N ILE A 725 -8.58 4.16 -0.15
CA ILE A 725 -7.62 4.89 0.66
C ILE A 725 -6.23 4.27 0.56
N PRO A 726 -6.05 2.95 0.64
CA PRO A 726 -4.68 2.41 0.61
C PRO A 726 -3.87 2.86 -0.57
N ARG A 727 -4.52 2.96 -1.73
CA ARG A 727 -3.81 3.39 -2.93
C ARG A 727 -3.10 4.72 -2.68
N ILE A 728 -3.85 5.70 -2.19
CA ILE A 728 -3.21 6.98 -1.88
C ILE A 728 -2.27 6.87 -0.71
N ILE A 729 -2.54 5.97 0.23
CA ILE A 729 -1.67 5.83 1.39
C ILE A 729 -0.25 5.55 0.93
N TYR A 730 -0.10 4.63 -0.02
CA TYR A 730 1.23 4.20 -0.39
C TYR A 730 2.11 5.40 -0.77
N LEU A 731 1.63 6.22 -1.69
CA LEU A 731 2.43 7.34 -2.15
C LEU A 731 2.54 8.41 -1.09
N ALA A 732 1.43 8.75 -0.46
CA ALA A 732 1.46 9.83 0.52
C ALA A 732 2.47 9.54 1.60
N ASP A 733 2.49 8.31 2.11
CA ASP A 733 3.45 7.96 3.14
C ASP A 733 4.85 7.92 2.59
N HIS A 734 5.04 7.26 1.45
CA HIS A 734 6.38 7.13 0.91
C HIS A 734 6.96 8.46 0.49
N THR A 735 6.10 9.44 0.23
CA THR A 735 6.53 10.80 -0.04
C THR A 735 6.37 11.62 1.22
N ASP A 736 7.46 12.22 1.68
CA ASP A 736 7.36 13.09 2.84
C ASP A 736 6.27 14.12 2.56
N THR A 737 5.16 14.02 3.28
CA THR A 737 3.99 14.85 3.04
C THR A 737 3.70 15.66 4.29
N LYS A 738 3.44 16.94 4.12
CA LYS A 738 3.22 17.81 5.27
C LYS A 738 1.74 17.77 5.67
N LYS A 739 1.51 18.19 6.93
CA LYS A 739 0.19 18.01 7.51
C LYS A 739 -0.87 18.82 6.77
N THR A 740 -0.57 20.04 6.36
CA THR A 740 -1.60 20.89 5.78
C THR A 740 -2.23 20.25 4.55
N LEU A 741 -1.40 19.72 3.65
CA LEU A 741 -1.96 19.11 2.45
C LEU A 741 -2.86 17.94 2.81
N LEU A 742 -2.42 17.13 3.76
CA LEU A 742 -3.26 16.03 4.20
C LEU A 742 -4.58 16.53 4.75
N SER A 743 -4.53 17.63 5.50
CA SER A 743 -5.75 18.20 6.05
C SER A 743 -6.69 18.61 4.93
N SER A 744 -6.14 19.23 3.89
CA SER A 744 -6.96 19.60 2.75
C SER A 744 -7.62 18.38 2.14
N LEU A 745 -6.84 17.31 1.96
CA LEU A 745 -7.40 16.10 1.37
C LEU A 745 -8.52 15.54 2.24
N ASP A 746 -8.29 15.48 3.54
CA ASP A 746 -9.32 14.97 4.44
C ASP A 746 -10.57 15.83 4.35
N ASP A 747 -10.40 17.15 4.22
CA ASP A 747 -11.54 18.03 4.07
C ASP A 747 -12.34 17.68 2.83
N ASN A 748 -11.63 17.50 1.72
CA ASN A 748 -12.30 17.13 0.48
C ASN A 748 -13.11 15.86 0.68
N ILE A 749 -12.47 14.85 1.28
CA ILE A 749 -13.14 13.57 1.46
C ILE A 749 -14.37 13.75 2.35
N ARG A 750 -14.23 14.49 3.43
CA ARG A 750 -15.34 14.69 4.35
C ARG A 750 -16.53 15.31 3.64
N THR A 751 -16.27 16.39 2.89
CA THR A 751 -17.36 17.03 2.17
C THR A 751 -18.01 16.06 1.20
N VAL A 752 -17.19 15.30 0.47
CA VAL A 752 -17.75 14.42 -0.54
C VAL A 752 -18.64 13.37 0.10
N VAL A 753 -18.17 12.74 1.18
CA VAL A 753 -18.96 11.68 1.79
C VAL A 753 -20.23 12.26 2.40
N LYS A 754 -20.10 13.40 3.08
CA LYS A 754 -21.27 14.02 3.67
C LYS A 754 -22.32 14.26 2.61
N GLY A 755 -21.90 14.79 1.46
CA GLY A 755 -22.83 14.92 0.35
C GLY A 755 -23.40 13.59 -0.06
N TRP A 756 -22.54 12.58 -0.21
CA TRP A 756 -23.00 11.25 -0.56
C TRP A 756 -24.20 10.87 0.29
N LEU A 757 -24.06 10.96 1.60
CA LEU A 757 -25.09 10.50 2.51
C LEU A 757 -26.04 11.61 2.91
N HIS A 758 -25.90 12.80 2.33
CA HIS A 758 -26.85 13.88 2.58
C HIS A 758 -26.98 14.19 4.06
N LEU A 759 -25.86 14.12 4.76
CA LEU A 759 -25.85 14.54 6.15
C LEU A 759 -25.94 16.06 6.21
N PRO A 760 -26.45 16.62 7.30
CA PRO A 760 -26.44 18.07 7.44
C PRO A 760 -25.00 18.57 7.50
N PRO A 761 -24.74 19.76 6.98
CA PRO A 761 -23.36 20.24 6.93
C PRO A 761 -22.64 20.19 8.26
N ASP A 762 -23.22 20.80 9.28
CA ASP A 762 -22.50 21.01 10.53
C ASP A 762 -22.20 19.74 11.29
N THR A 763 -22.57 18.57 10.81
CA THR A 763 -22.29 17.31 11.50
C THR A 763 -20.89 17.30 12.08
N CYS A 764 -20.74 16.75 13.28
CA CYS A 764 -19.43 16.68 13.91
C CYS A 764 -18.57 15.62 13.24
N ASN A 765 -17.29 15.94 13.08
CA ASN A 765 -16.37 15.03 12.41
C ASN A 765 -16.18 13.72 13.17
N GLY A 766 -16.20 13.76 14.50
CA GLY A 766 -15.86 12.59 15.28
C GLY A 766 -16.69 11.39 14.90
N PHE A 767 -17.99 11.62 14.72
CA PHE A 767 -18.83 10.56 14.18
C PHE A 767 -18.23 9.97 12.92
N ILE A 768 -17.78 10.83 12.02
CA ILE A 768 -17.25 10.34 10.75
C ILE A 768 -16.01 9.50 10.98
N TYR A 769 -15.05 10.01 11.73
CA TYR A 769 -13.74 9.38 11.82
C TYR A 769 -13.72 8.15 12.72
N THR A 770 -14.53 8.10 13.76
CA THR A 770 -14.49 6.96 14.67
C THR A 770 -14.88 5.67 13.95
N LYS A 771 -14.34 4.55 14.43
CA LYS A 771 -14.52 3.29 13.74
C LYS A 771 -15.95 2.78 13.90
N THR A 772 -16.35 1.96 12.93
CA THR A 772 -17.68 1.38 12.95
C THR A 772 -17.89 0.56 14.21
N ARG A 773 -16.92 -0.28 14.57
CA ARG A 773 -17.05 -1.05 15.80
C ARG A 773 -17.35 -0.15 16.99
N ASP A 774 -16.82 1.07 16.99
CA ASP A 774 -17.12 2.04 18.03
C ASP A 774 -18.38 2.84 17.73
N GLY A 775 -18.93 2.69 16.54
CA GLY A 775 -20.14 3.41 16.14
C GLY A 775 -19.94 4.40 15.02
N GLY A 776 -18.71 4.83 14.75
CA GLY A 776 -18.46 5.84 13.74
C GLY A 776 -18.51 5.28 12.34
N LEU A 777 -18.26 6.16 11.38
CA LEU A 777 -18.29 5.77 9.98
C LEU A 777 -17.03 5.06 9.55
N GLY A 778 -16.02 4.98 10.42
CA GLY A 778 -14.79 4.30 10.05
C GLY A 778 -14.12 4.90 8.84
N VAL A 779 -14.03 6.23 8.80
CA VAL A 779 -13.36 6.91 7.70
C VAL A 779 -11.98 7.33 8.17
N THR A 780 -10.98 7.06 7.35
CA THR A 780 -9.61 7.37 7.72
C THR A 780 -9.43 8.88 7.88
N ARG A 781 -8.44 9.28 8.65
CA ARG A 781 -8.04 10.68 8.76
C ARG A 781 -6.59 10.78 8.32
N LEU A 782 -6.37 11.06 7.04
CA LEU A 782 -5.03 11.02 6.49
C LEU A 782 -4.07 11.87 7.31
N ALA A 783 -4.46 13.10 7.63
CA ALA A 783 -3.58 13.95 8.41
C ALA A 783 -3.20 13.32 9.73
N SER A 784 -4.04 12.41 10.24
CA SER A 784 -3.74 11.71 11.48
C SER A 784 -3.08 10.36 11.26
N LEU A 785 -3.30 9.73 10.11
CA LEU A 785 -2.78 8.39 9.88
C LEU A 785 -1.41 8.39 9.22
N ILE A 786 -1.25 9.15 8.15
CA ILE A 786 0.01 9.14 7.41
C ILE A 786 1.20 9.38 8.33
N PRO A 787 1.15 10.34 9.27
CA PRO A 787 2.33 10.55 10.13
C PRO A 787 2.74 9.30 10.86
N SER A 788 1.78 8.52 11.36
CA SER A 788 2.12 7.29 12.07
C SER A 788 2.82 6.31 11.14
N ILE A 789 2.30 6.14 9.93
CA ILE A 789 2.90 5.21 9.00
C ILE A 789 4.33 5.66 8.68
N GLN A 790 4.50 6.97 8.49
CA GLN A 790 5.81 7.49 8.16
C GLN A 790 6.80 7.23 9.29
N ALA A 791 6.39 7.49 10.52
CA ALA A 791 7.27 7.25 11.66
C ALA A 791 7.62 5.78 11.77
N ARG A 792 6.63 4.92 11.53
CA ARG A 792 6.91 3.49 11.57
C ARG A 792 7.95 3.11 10.53
N ARG A 793 7.81 3.64 9.31
CA ARG A 793 8.80 3.37 8.29
C ARG A 793 10.17 3.83 8.75
N LEU A 794 10.22 5.03 9.33
CA LEU A 794 11.48 5.63 9.73
C LEU A 794 12.18 4.69 10.71
N HIS A 795 11.46 4.31 11.76
CA HIS A 795 12.06 3.43 12.76
C HIS A 795 12.48 2.12 12.13
N ARG A 796 11.60 1.55 11.31
CA ARG A 796 11.86 0.27 10.68
C ARG A 796 13.18 0.31 9.91
N ILE A 797 13.37 1.34 9.11
CA ILE A 797 14.61 1.47 8.36
C ILE A 797 15.78 1.67 9.31
N ALA A 798 15.60 2.51 10.31
CA ALA A 798 16.69 2.83 11.23
C ALA A 798 17.32 1.57 11.79
N THR A 799 16.48 0.66 12.29
CA THR A 799 16.95 -0.58 12.90
C THR A 799 16.96 -1.68 11.85
N SER A 800 17.75 -1.45 10.82
CA SER A 800 17.89 -2.41 9.73
C SER A 800 19.00 -3.40 10.04
N GLU A 801 19.16 -4.38 9.16
CA GLU A 801 20.25 -5.34 9.26
C GLU A 801 21.49 -4.88 8.52
N ASP A 802 21.34 -4.20 7.39
CA ASP A 802 22.47 -3.66 6.64
C ASP A 802 23.08 -2.53 7.44
N GLU A 803 24.23 -2.79 8.06
CA GLU A 803 24.90 -1.76 8.83
C GLU A 803 25.14 -0.51 8.01
N THR A 804 25.39 -0.66 6.71
CA THR A 804 25.60 0.50 5.87
C THR A 804 24.37 1.40 5.90
N ILE A 805 23.20 0.81 5.71
CA ILE A 805 21.96 1.59 5.71
C ILE A 805 21.83 2.32 7.04
N ARG A 806 22.09 1.61 8.13
CA ARG A 806 22.01 2.21 9.44
C ARG A 806 22.92 3.43 9.49
N ASN A 807 24.23 3.20 9.33
CA ASN A 807 25.21 4.28 9.31
C ASN A 807 24.69 5.46 8.53
N ILE A 808 24.13 5.19 7.36
CA ILE A 808 23.70 6.27 6.47
C ILE A 808 22.62 7.09 7.16
N ALA A 809 21.58 6.42 7.65
CA ALA A 809 20.50 7.14 8.30
C ALA A 809 21.02 7.89 9.52
N MET A 810 21.87 7.22 10.30
CA MET A 810 22.37 7.80 11.54
C MET A 810 23.12 9.10 11.27
N ALA A 811 24.13 9.04 10.41
CA ALA A 811 24.84 10.26 10.04
C ALA A 811 23.90 11.26 9.39
N ASN A 812 22.83 10.77 8.78
CA ASN A 812 21.76 11.64 8.33
C ASN A 812 20.78 11.99 9.43
N ASN A 813 21.17 11.76 10.69
CA ASN A 813 20.44 12.22 11.87
C ASN A 813 18.92 12.12 11.69
N ILE A 814 18.46 10.92 11.32
CA ILE A 814 17.03 10.70 11.12
C ILE A 814 16.27 10.83 12.43
N GLU A 815 16.97 10.74 13.57
CA GLU A 815 16.30 10.70 14.86
C GLU A 815 15.46 11.94 15.11
N GLU A 816 15.94 13.11 14.69
CA GLU A 816 15.18 14.33 14.88
C GLU A 816 13.85 14.24 14.15
N GLU A 817 13.90 13.74 12.91
CA GLU A 817 12.68 13.57 12.13
C GLU A 817 11.75 12.58 12.82
N PHE A 818 12.33 11.51 13.36
CA PHE A 818 11.51 10.51 14.03
C PHE A 818 10.78 11.13 15.21
N GLN A 819 11.51 11.90 16.03
CA GLN A 819 10.91 12.56 17.18
C GLN A 819 9.81 13.50 16.73
N ASN A 820 10.10 14.28 15.69
CA ASN A 820 9.16 15.30 15.24
C ASN A 820 7.89 14.66 14.71
N LEU A 821 8.02 13.56 13.97
CA LEU A 821 6.86 12.85 13.48
C LEU A 821 6.05 12.26 14.62
N TRP A 822 6.72 11.52 15.51
CA TRP A 822 6.04 10.93 16.66
C TRP A 822 5.23 11.97 17.41
N VAL A 823 5.81 13.16 17.60
CA VAL A 823 5.03 14.24 18.17
C VAL A 823 3.87 14.61 17.25
N THR A 824 4.15 14.77 15.96
CA THR A 824 3.13 15.22 15.03
C THR A 824 1.99 14.22 14.96
N ALA A 825 2.30 12.93 14.88
CA ALA A 825 1.26 11.92 14.88
C ALA A 825 0.46 11.93 16.17
N GLY A 826 0.99 12.57 17.21
CA GLY A 826 0.32 12.63 18.50
C GLY A 826 1.03 11.91 19.60
N GLY A 827 2.11 11.19 19.32
CA GLY A 827 2.84 10.52 20.38
C GLY A 827 3.52 11.51 21.30
N LYS A 828 3.62 11.11 22.55
CA LYS A 828 4.12 11.97 23.61
C LYS A 828 5.64 11.97 23.60
N LYS A 829 6.21 13.13 23.97
CA LYS A 829 7.67 13.26 23.96
C LYS A 829 8.31 12.17 24.79
N GLU A 830 7.76 11.90 25.97
CA GLU A 830 8.29 10.83 26.80
C GLU A 830 8.15 9.49 26.10
N GLU A 831 7.03 9.26 25.42
CA GLU A 831 6.79 7.98 24.79
C GLU A 831 7.74 7.71 23.63
N ILE A 832 8.38 8.74 23.09
CA ILE A 832 9.27 8.57 21.95
C ILE A 832 10.25 7.45 22.24
N PRO A 833 10.13 6.29 21.61
CA PRO A 833 11.09 5.21 21.86
C PRO A 833 12.46 5.56 21.33
N ARG A 834 13.47 4.97 21.96
CA ARG A 834 14.85 5.15 21.52
C ARG A 834 15.08 4.36 20.24
N ILE A 835 15.19 5.05 19.12
CA ILE A 835 15.20 4.43 17.80
C ILE A 835 16.26 3.35 17.73
N THR A 836 17.32 3.49 18.53
CA THR A 836 18.40 2.52 18.53
C THR A 836 18.00 1.18 19.11
N ASP A 837 17.11 1.17 20.09
CA ASP A 837 16.85 -0.05 20.84
C ASP A 837 16.12 -1.08 19.96
N PRO A 838 16.22 -2.36 20.30
CA PRO A 838 15.50 -3.37 19.52
C PRO A 838 14.00 -3.22 19.67
N VAL A 839 13.27 -4.01 18.88
CA VAL A 839 11.81 -3.95 18.83
C VAL A 839 11.25 -5.24 19.39
N SER A 840 9.93 -5.34 19.46
CA SER A 840 9.28 -6.55 19.93
C SER A 840 9.34 -7.61 18.83
N ILE A 841 9.86 -8.79 19.18
CA ILE A 841 9.95 -9.90 18.23
C ILE A 841 9.04 -11.02 18.68
N ASP A 842 7.85 -11.08 18.09
CA ASP A 842 6.91 -12.12 18.42
C ASP A 842 7.14 -13.35 17.54
N TYR A 843 6.47 -14.45 17.92
CA TYR A 843 6.58 -15.69 17.18
C TYR A 843 5.25 -16.41 17.00
N ARG A 844 4.16 -15.91 17.58
CA ARG A 844 2.85 -16.58 17.52
C ARG A 844 2.95 -18.02 18.04
N LEU A 845 3.87 -18.26 18.96
CA LEU A 845 4.04 -19.63 19.40
C LEU A 845 4.60 -19.65 20.82
N PRO A 846 4.02 -20.42 21.74
CA PRO A 846 4.64 -20.55 23.05
C PRO A 846 6.06 -21.02 22.89
N ARG A 847 6.97 -20.42 23.66
CA ARG A 847 8.37 -20.80 23.56
C ARG A 847 8.50 -22.32 23.52
N ARG A 848 7.76 -22.99 24.40
CA ARG A 848 7.79 -24.45 24.45
C ARG A 848 7.55 -25.03 23.07
N ILE A 849 6.40 -24.70 22.48
CA ILE A 849 6.11 -25.18 21.14
C ILE A 849 7.21 -24.74 20.18
N LEU A 850 7.81 -23.58 20.44
CA LEU A 850 8.85 -23.08 19.54
C LEU A 850 10.02 -24.06 19.47
N GLU A 851 10.54 -24.48 20.62
CA GLU A 851 11.66 -25.42 20.55
C GLU A 851 11.17 -26.79 20.09
N LEU A 852 9.90 -27.10 20.36
CA LEU A 852 9.39 -28.41 19.98
C LEU A 852 9.68 -28.73 18.52
N LEU A 853 9.49 -27.74 17.64
CA LEU A 853 9.65 -27.94 16.22
C LEU A 853 11.01 -27.43 15.76
N ASN A 854 11.28 -27.58 14.46
CA ASN A 854 12.55 -27.21 13.87
C ASN A 854 12.45 -25.84 13.20
N GLU A 855 13.62 -25.29 12.85
CA GLU A 855 13.63 -23.97 12.23
C GLU A 855 12.82 -23.97 10.94
N TRP A 856 12.91 -25.04 10.16
CA TRP A 856 12.18 -25.10 8.92
C TRP A 856 10.68 -25.05 9.14
N GLU A 857 10.22 -25.49 10.31
CA GLU A 857 8.82 -25.35 10.68
C GLU A 857 8.54 -24.10 11.50
N LYS A 858 9.55 -23.33 11.85
CA LYS A 858 9.33 -22.19 12.72
C LYS A 858 8.56 -21.11 11.96
N PRO A 859 7.72 -20.33 12.64
CA PRO A 859 7.03 -19.23 11.94
C PRO A 859 7.96 -18.09 11.62
N ALA A 860 7.43 -17.04 10.99
CA ALA A 860 8.21 -15.85 10.68
C ALA A 860 8.06 -14.83 11.80
N PRO A 861 9.14 -14.49 12.51
CA PRO A 861 9.01 -13.53 13.62
C PRO A 861 8.83 -12.11 13.14
N LYS A 862 7.62 -11.72 12.79
CA LYS A 862 7.40 -10.35 12.37
C LYS A 862 7.80 -9.42 13.50
N LYS A 863 8.39 -8.29 13.15
CA LYS A 863 8.89 -7.34 14.15
C LYS A 863 7.80 -6.33 14.48
N MET A 864 7.13 -6.52 15.61
CA MET A 864 6.16 -5.53 16.05
C MET A 864 6.86 -4.22 16.32
N TYR A 865 6.22 -3.13 15.95
CA TYR A 865 6.82 -1.82 16.10
C TYR A 865 5.91 -0.90 16.89
N PRO A 866 6.45 0.12 17.55
CA PRO A 866 5.61 1.02 18.33
C PRO A 866 4.74 1.86 17.41
N ILE A 867 3.75 2.52 18.02
CA ILE A 867 2.86 3.43 17.32
C ILE A 867 2.78 4.71 18.14
N PRO A 868 2.86 5.88 17.52
CA PRO A 868 2.84 7.12 18.32
C PRO A 868 1.65 7.21 19.24
N CYS A 869 0.48 6.77 18.77
CA CYS A 869 -0.74 6.83 19.56
C CYS A 869 -1.86 6.20 18.74
N ASN A 870 -3.02 6.07 19.37
CA ASN A 870 -4.25 5.71 18.67
C ASN A 870 -5.02 7.00 18.41
N TRP A 871 -5.51 7.14 17.17
CA TRP A 871 -6.24 8.36 16.83
C TRP A 871 -7.74 8.12 16.87
N ARG A 872 -8.21 7.03 16.28
CA ARG A 872 -9.62 6.70 16.37
C ARG A 872 -10.16 7.00 17.76
N GLU A 873 -9.43 6.57 18.80
CA GLU A 873 -9.84 6.88 20.15
C GLU A 873 -9.84 8.39 20.39
N ALA A 874 -8.93 9.10 19.73
CA ALA A 874 -8.87 10.54 19.93
C ALA A 874 -10.15 11.21 19.44
N GLU A 875 -10.56 10.88 18.22
CA GLU A 875 -11.82 11.43 17.72
C GLU A 875 -12.97 10.97 18.58
N MET A 876 -12.93 9.72 19.05
CA MET A 876 -13.97 9.23 19.94
C MET A 876 -14.07 10.11 21.18
N ALA A 877 -12.94 10.40 21.80
CA ALA A 877 -12.93 11.20 23.01
C ALA A 877 -13.50 12.58 22.74
N HIS A 878 -13.02 13.22 21.68
CA HIS A 878 -13.50 14.56 21.38
C HIS A 878 -15.00 14.53 21.13
N TRP A 879 -15.47 13.56 20.36
CA TRP A 879 -16.90 13.35 20.18
C TRP A 879 -17.63 13.27 21.51
N LYS A 880 -17.11 12.49 22.43
CA LYS A 880 -17.72 12.39 23.75
C LYS A 880 -17.82 13.77 24.38
N ASN A 881 -16.73 14.54 24.31
CA ASN A 881 -16.68 15.83 24.96
C ASN A 881 -17.75 16.78 24.43
N LEU A 882 -18.22 16.53 23.21
CA LEU A 882 -19.19 17.41 22.58
C LEU A 882 -20.47 17.47 23.39
N PRO A 883 -21.00 18.65 23.70
CA PRO A 883 -22.22 18.71 24.49
C PRO A 883 -23.44 18.18 23.77
N CYS A 884 -23.71 18.65 22.56
CA CYS A 884 -24.95 18.32 21.85
C CYS A 884 -24.81 17.07 20.99
N GLN A 885 -23.92 17.11 19.99
CA GLN A 885 -23.79 15.98 19.10
C GLN A 885 -23.22 14.78 19.83
N GLY A 886 -22.66 15.01 21.02
CA GLY A 886 -21.97 13.96 21.75
C GLY A 886 -22.68 13.58 23.03
N SER A 887 -24.01 13.53 23.00
CA SER A 887 -24.78 13.16 24.18
C SER A 887 -25.11 11.68 24.16
N GLY A 888 -24.77 10.99 25.24
CA GLY A 888 -25.16 9.60 25.41
C GLY A 888 -24.39 8.63 24.55
N ILE A 889 -23.48 9.12 23.69
CA ILE A 889 -22.74 8.23 22.82
C ILE A 889 -21.85 7.27 23.58
N GLU A 890 -21.25 7.72 24.68
CA GLU A 890 -20.38 6.87 25.49
C GLU A 890 -20.95 5.48 25.68
N HIS A 891 -22.27 5.34 25.65
CA HIS A 891 -22.85 4.01 25.79
C HIS A 891 -22.34 3.09 24.69
N PHE A 892 -22.10 3.66 23.50
CA PHE A 892 -21.74 2.86 22.35
C PHE A 892 -20.25 2.53 22.27
N ASP A 893 -19.42 3.14 23.11
CA ASP A 893 -18.00 2.86 23.04
C ASP A 893 -17.75 1.37 23.26
N ASN A 894 -16.79 0.84 22.50
CA ASN A 894 -16.32 -0.54 22.69
C ASN A 894 -17.46 -1.52 22.92
N ASP A 895 -18.59 -1.32 22.24
CA ASP A 895 -19.66 -2.30 22.22
C ASP A 895 -19.65 -2.99 20.86
N THR A 896 -19.52 -4.29 20.86
CA THR A 896 -19.51 -5.07 19.63
C THR A 896 -20.90 -5.46 19.18
N ILE A 897 -21.94 -5.01 19.88
CA ILE A 897 -23.30 -5.45 19.59
C ILE A 897 -24.06 -4.32 18.92
N SER A 898 -24.13 -3.17 19.59
CA SER A 898 -24.95 -2.09 19.08
C SER A 898 -24.49 -1.59 17.73
N ASN A 899 -23.19 -1.41 17.53
CA ASN A 899 -22.66 -0.86 16.30
C ASN A 899 -22.80 -1.81 15.13
N ASP A 900 -23.18 -3.05 15.38
CA ASP A 900 -23.11 -4.09 14.35
C ASP A 900 -23.83 -3.68 13.07
N TRP A 901 -25.06 -3.19 13.19
CA TRP A 901 -25.86 -2.91 12.01
C TRP A 901 -25.15 -1.94 11.08
N LEU A 902 -24.27 -1.10 11.63
CA LEU A 902 -23.53 -0.17 10.80
C LEU A 902 -22.84 -0.91 9.66
N GLN A 903 -22.32 -2.09 9.94
CA GLN A 903 -21.64 -2.89 8.93
C GLN A 903 -22.55 -3.91 8.27
N PHE A 904 -23.67 -4.27 8.90
CA PHE A 904 -24.54 -5.30 8.39
C PHE A 904 -25.99 -4.85 8.46
N HIS A 905 -26.27 -3.65 7.99
CA HIS A 905 -27.62 -3.09 8.02
C HIS A 905 -28.51 -3.78 6.99
N ARG A 906 -28.63 -5.09 7.15
CA ARG A 906 -29.50 -5.87 6.28
C ARG A 906 -30.96 -5.57 6.61
N GLY A 907 -31.79 -5.56 5.59
CA GLY A 907 -33.21 -5.31 5.78
C GLY A 907 -33.57 -3.86 5.93
N PHE A 908 -32.74 -3.08 6.63
CA PHE A 908 -32.92 -1.65 6.71
C PHE A 908 -33.13 -1.06 5.33
N SER A 909 -34.10 -0.17 5.18
CA SER A 909 -34.19 0.58 3.94
C SER A 909 -33.13 1.67 3.95
N GLU A 910 -32.37 1.74 2.87
CA GLU A 910 -31.43 2.83 2.63
C GLU A 910 -31.96 4.14 3.20
N ARG A 911 -33.24 4.43 2.97
CA ARG A 911 -33.85 5.59 3.60
C ARG A 911 -33.88 5.40 5.12
N GLN A 912 -34.37 4.25 5.56
CA GLN A 912 -34.37 3.93 6.98
C GLN A 912 -32.96 4.00 7.52
N PHE A 913 -32.00 3.40 6.80
CA PHE A 913 -30.63 3.34 7.30
C PHE A 913 -30.01 4.72 7.45
N LEU A 914 -30.28 5.59 6.48
CA LEU A 914 -29.71 6.94 6.53
C LEU A 914 -30.31 7.73 7.68
N MET A 915 -31.64 7.71 7.80
CA MET A 915 -32.23 8.37 8.96
C MET A 915 -31.78 7.69 10.25
N GLY A 916 -31.39 6.43 10.15
CA GLY A 916 -30.83 5.76 11.32
C GLY A 916 -29.49 6.35 11.70
N LEU A 917 -28.69 6.67 10.71
CA LEU A 917 -27.46 7.39 10.98
C LEU A 917 -27.78 8.70 11.69
N LYS A 918 -28.74 9.45 11.14
CA LYS A 918 -29.07 10.75 11.72
C LYS A 918 -29.52 10.62 13.17
N ILE A 919 -30.48 9.72 13.43
CA ILE A 919 -30.94 9.50 14.79
C ILE A 919 -29.76 9.14 15.69
N ARG A 920 -28.89 8.24 15.22
CA ARG A 920 -27.74 7.88 16.03
C ARG A 920 -26.93 9.11 16.35
N ALA A 921 -26.89 10.07 15.45
CA ALA A 921 -26.10 11.28 15.64
C ALA A 921 -26.87 12.37 16.39
N ASN A 922 -28.16 12.20 16.61
CA ASN A 922 -28.95 13.19 17.33
C ASN A 922 -28.87 14.55 16.65
N VAL A 923 -28.98 14.55 15.32
CA VAL A 923 -28.97 15.78 14.55
C VAL A 923 -30.12 15.75 13.56
N TYR A 924 -31.09 14.88 13.79
CA TYR A 924 -32.21 14.74 12.87
C TYR A 924 -32.98 16.06 12.79
N PRO A 925 -33.61 16.36 11.66
CA PRO A 925 -34.43 17.57 11.58
C PRO A 925 -35.50 17.64 12.66
N THR A 926 -35.39 18.67 13.51
CA THR A 926 -36.33 18.96 14.58
C THR A 926 -36.18 20.43 14.92
N ARG A 927 -37.28 21.05 15.34
CA ARG A 927 -37.24 22.49 15.58
C ARG A 927 -36.07 22.84 16.47
N GLU A 928 -35.88 22.05 17.54
CA GLU A 928 -34.68 22.20 18.35
C GLU A 928 -33.45 22.13 17.46
N TYR A 929 -33.38 21.11 16.61
CA TYR A 929 -32.26 21.01 15.69
C TYR A 929 -32.19 22.24 14.79
N GLN A 930 -33.31 22.59 14.16
CA GLN A 930 -33.33 23.85 13.41
C GLN A 930 -32.99 25.00 14.33
N GLY A 931 -33.39 24.91 15.59
CA GLY A 931 -33.05 25.91 16.56
C GLY A 931 -31.59 25.86 16.94
N ARG A 932 -31.03 24.66 16.96
CA ARG A 932 -29.69 24.44 17.47
C ARG A 932 -28.71 25.41 16.83
N GLY A 933 -27.77 25.94 17.62
CA GLY A 933 -26.83 26.91 17.11
C GLY A 933 -27.44 28.29 17.02
N ARG A 934 -28.40 28.48 16.11
CA ARG A 934 -29.02 29.78 15.94
C ARG A 934 -29.95 30.10 17.10
N THR A 935 -29.58 31.10 17.90
CA THR A 935 -30.31 31.43 19.11
C THR A 935 -31.72 31.92 18.83
N ASN A 936 -31.85 33.04 18.13
CA ASN A 936 -33.16 33.66 17.98
C ASN A 936 -34.07 32.86 17.07
N LYS A 937 -34.96 32.08 17.66
CA LYS A 937 -35.85 31.20 16.91
C LYS A 937 -36.99 30.76 17.81
N ASN A 938 -37.81 29.82 17.34
CA ASN A 938 -38.80 29.17 18.18
C ASN A 938 -38.46 27.69 18.27
N VAL A 939 -38.65 27.11 19.45
CA VAL A 939 -38.25 25.74 19.71
C VAL A 939 -39.38 24.93 20.33
N ASN A 940 -40.41 25.63 20.81
CA ASN A 940 -41.57 24.96 21.40
C ASN A 940 -42.03 23.80 20.54
N CYS A 941 -42.21 22.63 21.16
CA CYS A 941 -42.78 21.51 20.42
C CYS A 941 -44.12 21.91 19.83
N ARG A 942 -44.20 21.93 18.51
CA ARG A 942 -45.45 22.20 17.82
C ARG A 942 -46.57 21.40 18.47
N ASN A 943 -46.43 20.09 18.46
CA ASN A 943 -47.53 19.24 18.86
C ASN A 943 -47.93 19.43 20.32
N CYS A 944 -47.09 19.03 21.27
CA CYS A 944 -47.62 19.03 22.63
C CYS A 944 -47.49 20.37 23.32
N THR A 945 -46.34 20.66 23.92
CA THR A 945 -45.96 22.04 24.19
C THR A 945 -44.45 22.20 24.39
N ALA A 946 -43.71 21.09 24.32
CA ALA A 946 -42.39 21.00 24.91
C ALA A 946 -41.52 22.20 24.57
N SER A 947 -40.85 22.74 25.59
CA SER A 947 -40.01 23.93 25.44
C SER A 947 -39.18 23.83 24.17
N TYR A 948 -38.37 22.80 24.07
CA TYR A 948 -37.66 22.47 22.84
C TYR A 948 -38.44 21.39 22.11
N GLU A 949 -38.66 21.58 20.82
CA GLU A 949 -39.22 20.50 20.03
C GLU A 949 -38.11 19.48 19.85
N SER A 950 -37.73 18.84 20.96
CA SER A 950 -36.55 18.00 20.98
C SER A 950 -36.86 16.66 20.32
N LEU A 951 -36.00 15.68 20.52
CA LEU A 951 -36.19 14.36 19.99
C LEU A 951 -36.63 13.38 21.07
N SER A 952 -36.23 13.60 22.32
CA SER A 952 -36.62 12.74 23.43
C SER A 952 -38.06 12.94 23.86
N HIS A 953 -38.58 14.16 23.81
CA HIS A 953 -39.97 14.38 24.23
C HIS A 953 -40.89 13.49 23.41
N ILE A 954 -40.55 13.29 22.14
CA ILE A 954 -41.22 12.33 21.29
C ILE A 954 -41.34 11.04 22.09
N LEU A 955 -40.24 10.67 22.72
CA LEU A 955 -40.15 9.41 23.46
C LEU A 955 -40.87 9.57 24.78
N GLY A 956 -42.14 9.18 24.82
CA GLY A 956 -42.92 9.23 26.03
C GLY A 956 -43.63 10.56 26.24
N GLN A 957 -42.86 11.59 26.57
CA GLN A 957 -43.43 12.87 26.97
C GLN A 957 -44.46 13.36 25.97
N CYS A 958 -44.10 13.37 24.69
CA CYS A 958 -44.98 13.91 23.68
C CYS A 958 -46.15 12.95 23.46
N PRO A 959 -47.40 13.38 23.68
CA PRO A 959 -48.49 12.42 23.81
C PRO A 959 -48.89 11.75 22.52
N ALA A 960 -49.13 12.56 21.47
CA ALA A 960 -49.81 12.11 20.27
C ALA A 960 -49.50 10.66 19.91
N VAL A 961 -48.23 10.28 20.02
CA VAL A 961 -47.81 8.93 19.67
C VAL A 961 -48.62 7.92 20.47
N GLN A 962 -48.48 7.98 21.79
CA GLN A 962 -49.24 7.13 22.71
C GLN A 962 -49.55 5.76 22.14
N GLY A 963 -50.55 5.69 21.27
CA GLY A 963 -50.98 4.41 20.72
C GLY A 963 -49.86 3.70 20.00
N ALA A 964 -49.08 4.45 19.22
CA ALA A 964 -47.96 3.85 18.52
C ALA A 964 -46.90 3.37 19.50
N ARG A 965 -46.64 4.16 20.54
CA ARG A 965 -45.68 3.72 21.54
C ARG A 965 -46.12 2.38 22.13
N ILE A 966 -47.40 2.29 22.48
CA ILE A 966 -47.91 1.07 23.10
C ILE A 966 -47.84 -0.08 22.12
N ARG A 967 -48.23 0.16 20.88
CA ARG A 967 -48.25 -0.92 19.89
C ARG A 967 -46.86 -1.45 19.67
N ARG A 968 -45.87 -0.56 19.59
CA ARG A 968 -44.49 -1.00 19.44
C ARG A 968 -44.05 -1.81 20.66
N HIS A 969 -44.33 -1.29 21.85
CA HIS A 969 -43.90 -1.97 23.06
C HIS A 969 -44.45 -3.40 23.09
N ASN A 970 -45.76 -3.52 22.93
CA ASN A 970 -46.37 -4.84 22.98
C ASN A 970 -45.97 -5.67 21.78
N LYS A 971 -45.55 -5.04 20.69
CA LYS A 971 -45.03 -5.79 19.56
C LYS A 971 -43.72 -6.48 19.93
N LEU A 972 -42.83 -5.76 20.59
CA LEU A 972 -41.59 -6.38 21.04
C LEU A 972 -41.89 -7.48 22.04
N CYS A 973 -42.84 -7.19 22.95
CA CYS A 973 -43.27 -8.21 23.90
C CYS A 973 -43.76 -9.46 23.16
N SER A 974 -44.51 -9.25 22.07
CA SER A 974 -45.04 -10.37 21.30
C SER A 974 -43.92 -11.16 20.65
N MET A 975 -42.90 -10.47 20.17
CA MET A 975 -41.76 -11.18 19.57
C MET A 975 -41.08 -12.07 20.61
N LEU A 976 -40.76 -11.48 21.77
CA LEU A 976 -40.12 -12.27 22.81
C LEU A 976 -41.02 -13.41 23.28
N LYS A 977 -42.32 -13.17 23.35
CA LYS A 977 -43.25 -14.24 23.67
C LYS A 977 -43.19 -15.35 22.64
N ARG A 978 -43.26 -14.99 21.36
CA ARG A 978 -43.16 -15.99 20.29
C ARG A 978 -41.93 -16.85 20.50
N GLU A 979 -40.82 -16.23 20.84
CA GLU A 979 -39.63 -17.01 21.15
C GLU A 979 -39.78 -17.84 22.41
N ALA A 980 -40.58 -17.37 23.38
CA ALA A 980 -40.71 -18.04 24.65
C ALA A 980 -41.16 -19.48 24.50
N LYS A 981 -42.35 -19.70 23.93
CA LYS A 981 -42.84 -21.06 23.75
C LYS A 981 -41.83 -21.91 23.00
N GLU A 982 -41.14 -21.32 22.03
CA GLU A 982 -40.11 -22.05 21.31
C GLU A 982 -39.08 -22.62 22.28
N LEU A 983 -38.82 -21.91 23.38
CA LEU A 983 -37.94 -22.42 24.43
C LEU A 983 -38.70 -23.04 25.59
N LYS A 984 -39.94 -23.47 25.37
CA LYS A 984 -40.69 -24.22 26.37
C LYS A 984 -40.89 -23.39 27.64
N TRP A 985 -40.97 -22.08 27.48
CA TRP A 985 -41.27 -21.17 28.58
C TRP A 985 -42.77 -20.91 28.51
N VAL A 986 -43.52 -21.52 29.42
CA VAL A 986 -44.98 -21.49 29.37
C VAL A 986 -45.47 -20.05 29.41
N VAL A 987 -46.21 -19.64 28.39
CA VAL A 987 -46.72 -18.29 28.27
C VAL A 987 -47.66 -17.98 29.43
N TYR A 988 -47.33 -16.95 30.21
CA TYR A 988 -48.21 -16.37 31.20
C TYR A 988 -48.09 -14.86 31.20
N GLU A 989 -47.87 -14.30 30.03
CA GLU A 989 -47.72 -12.87 29.83
C GLU A 989 -49.09 -12.19 29.82
N GLU A 990 -49.07 -10.86 29.71
CA GLU A 990 -50.26 -10.01 29.71
C GLU A 990 -51.24 -10.48 30.80
N PRO A 991 -50.74 -10.81 31.99
CA PRO A 991 -51.61 -11.43 32.99
C PRO A 991 -52.27 -10.43 33.90
N HIS A 992 -53.39 -9.83 33.48
CA HIS A 992 -54.10 -8.87 34.31
C HIS A 992 -54.11 -9.30 35.77
N LEU A 993 -53.62 -8.43 36.65
CA LEU A 993 -53.44 -8.76 38.05
C LEU A 993 -54.35 -7.89 38.91
N HIS A 994 -54.27 -8.11 40.21
CA HIS A 994 -54.98 -7.26 41.18
C HIS A 994 -54.17 -7.32 42.48
N THR A 995 -53.31 -6.33 42.67
CA THR A 995 -52.35 -6.33 43.78
C THR A 995 -53.04 -5.96 45.07
N THR A 996 -52.27 -5.65 46.12
CA THR A 996 -52.87 -5.35 47.42
C THR A 996 -53.97 -4.31 47.29
N GLU A 997 -53.79 -3.34 46.40
CA GLU A 997 -54.83 -2.39 46.05
C GLU A 997 -55.89 -3.00 45.13
N LYS A 998 -55.77 -4.28 44.81
CA LYS A 998 -56.64 -4.94 43.85
C LYS A 998 -56.73 -4.13 42.57
N GLU A 999 -55.58 -3.73 42.06
CA GLU A 999 -55.46 -2.93 40.86
C GLU A 999 -54.54 -3.61 39.87
N LEU A 1000 -54.81 -3.40 38.58
CA LEU A 1000 -54.15 -4.15 37.52
C LEU A 1000 -52.69 -3.74 37.37
N ARG A 1001 -51.80 -4.57 37.91
CA ARG A 1001 -50.37 -4.44 37.75
C ARG A 1001 -49.82 -5.43 36.74
N LYS A 1002 -50.59 -5.72 35.70
CA LYS A 1002 -50.26 -6.72 34.69
C LYS A 1002 -48.83 -6.51 34.21
N PRO A 1003 -47.91 -7.40 34.56
CA PRO A 1003 -46.55 -7.28 34.05
C PRO A 1003 -46.48 -7.71 32.60
N ASP A 1004 -45.39 -7.36 31.93
CA ASP A 1004 -45.23 -7.73 30.54
C ASP A 1004 -45.31 -9.24 30.39
N LEU A 1005 -44.43 -9.97 31.08
CA LEU A 1005 -44.30 -11.40 30.91
C LEU A 1005 -44.12 -12.10 32.26
N ILE A 1006 -44.87 -13.18 32.46
CA ILE A 1006 -44.70 -14.03 33.63
C ILE A 1006 -44.53 -15.47 33.17
N PHE A 1007 -43.84 -15.67 32.06
CA PHE A 1007 -43.62 -17.02 31.55
C PHE A 1007 -43.24 -17.97 32.69
N VAL A 1008 -43.98 -19.05 32.84
CA VAL A 1008 -43.66 -20.02 33.87
C VAL A 1008 -43.01 -21.25 33.25
N LYS A 1009 -42.29 -21.99 34.07
CA LYS A 1009 -41.62 -23.19 33.63
C LYS A 1009 -41.41 -24.08 34.85
N GLU A 1010 -41.67 -25.37 34.69
CA GLU A 1010 -41.63 -26.27 35.83
C GLU A 1010 -42.49 -25.70 36.94
N GLU A 1011 -41.88 -24.85 37.78
CA GLU A 1011 -42.62 -24.07 38.75
C GLU A 1011 -42.12 -22.63 38.84
N MET A 1012 -41.18 -22.24 38.00
CA MET A 1012 -40.58 -20.92 38.05
C MET A 1012 -41.34 -19.99 37.12
N ALA A 1013 -41.85 -18.89 37.67
CA ALA A 1013 -42.60 -17.90 36.91
C ALA A 1013 -41.79 -16.63 36.75
N LEU A 1014 -41.56 -16.25 35.50
CA LEU A 1014 -40.54 -15.25 35.15
C LEU A 1014 -41.22 -13.91 34.91
N VAL A 1015 -41.27 -13.07 35.94
CA VAL A 1015 -41.83 -11.73 35.80
C VAL A 1015 -40.83 -10.87 35.02
N VAL A 1016 -41.33 -10.15 34.02
CA VAL A 1016 -40.49 -9.36 33.14
C VAL A 1016 -41.14 -8.01 32.91
N ASP A 1017 -40.33 -7.05 32.45
CA ASP A 1017 -40.84 -5.71 32.13
C ASP A 1017 -40.09 -5.20 30.90
N VAL A 1018 -40.73 -5.33 29.74
CA VAL A 1018 -40.15 -4.83 28.52
C VAL A 1018 -40.27 -3.31 28.46
N THR A 1019 -39.14 -2.63 28.29
CA THR A 1019 -39.12 -1.19 28.15
C THR A 1019 -37.95 -0.79 27.26
N VAL A 1020 -38.06 0.38 26.65
CA VAL A 1020 -37.02 0.91 25.76
C VAL A 1020 -36.91 2.40 26.06
N ARG A 1021 -35.74 2.82 26.52
CA ARG A 1021 -35.49 4.20 26.91
C ARG A 1021 -34.28 4.72 26.14
N PHE A 1022 -34.33 5.99 25.74
CA PHE A 1022 -33.16 6.61 25.16
C PHE A 1022 -32.10 6.84 26.22
N GLU A 1023 -30.85 6.52 25.87
CA GLU A 1023 -29.74 6.58 26.82
C GLU A 1023 -29.32 8.04 26.98
N TYR A 1024 -30.24 8.83 27.51
CA TYR A 1024 -29.98 10.23 27.82
C TYR A 1024 -28.83 10.32 28.80
N LYS A 1025 -29.04 9.78 30.00
CA LYS A 1025 -28.01 9.72 31.03
C LYS A 1025 -27.28 8.39 30.94
N GLU A 1026 -26.50 8.06 31.97
CA GLU A 1026 -25.76 6.82 32.02
C GLU A 1026 -26.53 5.78 32.82
N LYS A 1027 -27.23 6.24 33.86
CA LYS A 1027 -27.98 5.36 34.73
C LYS A 1027 -29.35 4.99 34.18
N VAL A 1028 -29.61 5.25 32.90
CA VAL A 1028 -30.95 5.03 32.34
C VAL A 1028 -31.43 3.63 32.70
N PHE A 1029 -30.67 2.62 32.30
CA PHE A 1029 -31.17 1.25 32.40
C PHE A 1029 -31.15 0.75 33.84
N GLU A 1030 -30.23 1.23 34.66
CA GLU A 1030 -30.21 0.80 36.05
C GLU A 1030 -31.36 1.42 36.83
N ASP A 1031 -31.69 2.69 36.53
CA ASP A 1031 -32.91 3.27 37.06
C ASP A 1031 -34.11 2.46 36.60
N ALA A 1032 -34.13 2.09 35.32
CA ALA A 1032 -35.19 1.26 34.81
C ALA A 1032 -35.36 0.02 35.68
N ALA A 1033 -34.27 -0.72 35.88
CA ALA A 1033 -34.35 -1.97 36.62
C ALA A 1033 -34.80 -1.72 38.05
N ALA A 1034 -34.24 -0.70 38.69
CA ALA A 1034 -34.62 -0.39 40.07
C ALA A 1034 -36.13 -0.16 40.16
N GLU A 1035 -36.66 0.61 39.22
CA GLU A 1035 -38.10 0.82 39.16
C GLU A 1035 -38.82 -0.51 38.92
N LYS A 1036 -38.28 -1.34 38.04
CA LYS A 1036 -38.88 -2.62 37.72
C LYS A 1036 -39.14 -3.38 38.99
N VAL A 1037 -38.08 -3.66 39.73
CA VAL A 1037 -38.19 -4.43 40.96
C VAL A 1037 -39.03 -3.65 41.96
N ARG A 1038 -38.74 -2.36 42.12
CA ARG A 1038 -39.36 -1.56 43.17
C ARG A 1038 -40.88 -1.57 43.07
N HIS A 1039 -41.43 -1.09 41.96
CA HIS A 1039 -42.87 -1.06 41.87
C HIS A 1039 -43.43 -2.48 41.89
N TYR A 1040 -42.79 -3.42 41.20
CA TYR A 1040 -43.29 -4.78 41.23
C TYR A 1040 -43.35 -5.29 42.65
N LYS A 1041 -42.19 -5.49 43.28
CA LYS A 1041 -42.06 -6.05 44.62
C LYS A 1041 -43.27 -6.89 45.02
N ASP A 1042 -43.69 -6.82 46.30
CA ASP A 1042 -44.85 -7.54 46.84
C ASP A 1042 -45.39 -8.60 45.88
N LEU A 1043 -46.59 -8.42 45.35
CA LEU A 1043 -47.14 -9.37 44.38
C LEU A 1043 -47.00 -10.80 44.92
N THR A 1044 -45.93 -11.49 44.50
CA THR A 1044 -45.65 -12.85 44.98
C THR A 1044 -46.91 -13.69 45.08
N SER A 1045 -47.50 -13.77 46.26
CA SER A 1045 -48.57 -14.72 46.54
C SER A 1045 -49.53 -14.81 45.36
N GLN A 1046 -50.18 -13.69 45.04
CA GLN A 1046 -51.21 -13.68 44.01
C GLN A 1046 -50.81 -14.53 42.81
N ILE A 1047 -49.65 -14.27 42.22
CA ILE A 1047 -49.21 -15.07 41.09
C ILE A 1047 -48.88 -16.49 41.54
N LYS A 1048 -48.35 -16.63 42.74
CA LYS A 1048 -47.99 -17.97 43.22
C LYS A 1048 -49.17 -18.91 43.05
N GLU A 1049 -50.35 -18.49 43.51
CA GLU A 1049 -51.54 -19.30 43.31
C GLU A 1049 -52.15 -19.18 41.92
N LEU A 1050 -52.12 -18.00 41.31
CA LEU A 1050 -52.74 -17.83 40.00
C LEU A 1050 -52.12 -18.78 38.98
N THR A 1051 -50.80 -18.77 38.87
CA THR A 1051 -50.07 -19.68 38.02
C THR A 1051 -49.73 -20.98 38.72
N GLY A 1052 -49.99 -21.08 40.02
CA GLY A 1052 -49.60 -22.25 40.77
C GLY A 1052 -48.11 -22.46 40.70
N ALA A 1053 -47.35 -21.37 40.79
CA ALA A 1053 -45.90 -21.41 40.71
C ALA A 1053 -45.28 -21.33 42.09
N LYS A 1054 -44.17 -22.05 42.27
CA LYS A 1054 -43.44 -22.04 43.54
C LYS A 1054 -42.30 -21.05 43.55
N GLU A 1055 -41.97 -20.45 42.41
CA GLU A 1055 -40.92 -19.45 42.32
C GLU A 1055 -41.35 -18.33 41.38
N ILE A 1056 -40.92 -17.12 41.69
CA ILE A 1056 -41.27 -15.93 40.93
C ILE A 1056 -40.04 -15.05 40.78
N GLU A 1057 -39.83 -14.53 39.58
CA GLU A 1057 -38.80 -13.54 39.33
C GLU A 1057 -39.43 -12.16 39.36
N TYR A 1058 -38.60 -11.13 39.26
CA TYR A 1058 -39.12 -9.77 39.18
C TYR A 1058 -38.29 -8.90 38.25
N PHE A 1059 -37.38 -9.51 37.50
CA PHE A 1059 -36.44 -8.74 36.71
C PHE A 1059 -37.17 -8.02 35.58
N GLY A 1060 -36.42 -7.24 34.81
CA GLY A 1060 -36.98 -6.42 33.76
C GLY A 1060 -36.37 -6.68 32.41
N PHE A 1061 -36.51 -5.73 31.49
CA PHE A 1061 -35.97 -5.87 30.14
C PHE A 1061 -35.92 -4.50 29.48
N PRO A 1062 -35.12 -3.59 30.03
CA PRO A 1062 -34.98 -2.26 29.41
C PRO A 1062 -34.17 -2.33 28.12
N LEU A 1063 -34.35 -1.31 27.28
CA LEU A 1063 -33.70 -1.26 25.97
C LEU A 1063 -33.32 0.16 25.63
N GLY A 1064 -32.22 0.31 24.89
CA GLY A 1064 -31.83 1.60 24.36
C GLY A 1064 -32.65 1.97 23.15
N ALA A 1065 -33.27 3.16 23.17
CA ALA A 1065 -34.10 3.59 22.05
C ALA A 1065 -33.31 3.51 20.75
N ARG A 1066 -32.09 4.04 20.75
CA ARG A 1066 -31.25 3.96 19.57
C ARG A 1066 -30.94 2.52 19.19
N GLY A 1067 -30.99 1.60 20.14
CA GLY A 1067 -30.67 0.21 19.88
C GLY A 1067 -29.68 -0.34 20.89
N LYS A 1068 -29.22 0.51 21.80
CA LYS A 1068 -28.28 0.07 22.82
C LYS A 1068 -28.85 -1.11 23.59
N TRP A 1069 -28.03 -2.15 23.75
CA TRP A 1069 -28.45 -3.37 24.39
C TRP A 1069 -27.81 -3.45 25.76
N PRO A 1070 -28.52 -3.15 26.85
CA PRO A 1070 -27.92 -3.26 28.17
C PRO A 1070 -27.48 -4.69 28.46
N GLU A 1071 -26.92 -4.88 29.66
CA GLU A 1071 -26.59 -6.20 30.14
C GLU A 1071 -27.69 -6.82 30.98
N ILE A 1072 -28.72 -6.05 31.33
CA ILE A 1072 -29.81 -6.59 32.14
C ILE A 1072 -30.62 -7.59 31.33
N ASN A 1073 -30.99 -7.19 30.11
CA ASN A 1073 -31.62 -8.13 29.20
C ASN A 1073 -30.73 -9.33 28.96
N GLU A 1074 -29.41 -9.12 28.97
CA GLU A 1074 -28.49 -10.24 28.82
C GLU A 1074 -28.60 -11.19 30.01
N LYS A 1075 -28.71 -10.65 31.22
CA LYS A 1075 -28.92 -11.48 32.39
C LYS A 1075 -30.22 -12.26 32.26
N VAL A 1076 -31.24 -11.62 31.69
CA VAL A 1076 -32.48 -12.33 31.39
C VAL A 1076 -32.18 -13.49 30.44
N LEU A 1077 -31.39 -13.24 29.41
CA LEU A 1077 -31.08 -14.28 28.43
C LEU A 1077 -30.44 -15.47 29.10
N THR A 1078 -29.43 -15.22 29.94
CA THR A 1078 -28.74 -16.32 30.59
C THR A 1078 -29.66 -17.05 31.56
N ALA A 1079 -30.49 -16.30 32.29
CA ALA A 1079 -31.52 -16.96 33.09
C ALA A 1079 -32.43 -17.79 32.21
N LEU A 1080 -32.51 -17.45 30.93
CA LEU A 1080 -33.34 -18.19 30.00
C LEU A 1080 -32.66 -19.47 29.53
N GLY A 1081 -31.33 -19.53 29.64
CA GLY A 1081 -30.58 -20.70 29.23
C GLY A 1081 -30.07 -20.67 27.80
N MET A 1082 -30.16 -19.53 27.12
CA MET A 1082 -29.68 -19.47 25.75
C MET A 1082 -28.17 -19.65 25.71
N PRO A 1083 -27.64 -20.40 24.73
CA PRO A 1083 -26.19 -20.52 24.59
C PRO A 1083 -25.57 -19.19 24.18
N ASP A 1084 -24.28 -19.06 24.52
CA ASP A 1084 -23.60 -17.78 24.36
C ASP A 1084 -23.65 -17.29 22.92
N TYR A 1085 -23.34 -18.16 21.97
CA TYR A 1085 -23.38 -17.73 20.57
C TYR A 1085 -24.78 -17.31 20.18
N GLN A 1086 -25.79 -18.11 20.56
CA GLN A 1086 -27.15 -17.72 20.28
C GLN A 1086 -27.52 -16.47 21.06
N GLN A 1087 -26.90 -16.27 22.23
CA GLN A 1087 -27.14 -15.06 23.00
C GLN A 1087 -26.66 -13.83 22.25
N LYS A 1088 -25.46 -13.90 21.66
CA LYS A 1088 -24.97 -12.77 20.88
C LYS A 1088 -25.85 -12.54 19.66
N ARG A 1089 -26.22 -13.62 18.97
CA ARG A 1089 -27.09 -13.49 17.80
C ARG A 1089 -28.38 -12.79 18.20
N THR A 1090 -28.95 -13.20 19.34
CA THR A 1090 -30.21 -12.65 19.81
C THR A 1090 -30.06 -11.19 20.20
N ALA A 1091 -29.01 -10.85 20.93
CA ALA A 1091 -28.81 -9.46 21.33
C ALA A 1091 -28.70 -8.58 20.10
N LYS A 1092 -27.89 -9.00 19.12
CA LYS A 1092 -27.74 -8.22 17.90
C LYS A 1092 -29.07 -8.02 17.19
N ARG A 1093 -29.77 -9.11 16.89
CA ARG A 1093 -31.03 -8.99 16.16
C ARG A 1093 -32.01 -8.14 16.94
N PHE A 1094 -32.09 -8.34 18.25
CA PHE A 1094 -33.10 -7.64 19.03
C PHE A 1094 -32.80 -6.14 18.99
N SER A 1095 -31.52 -5.78 19.08
CA SER A 1095 -31.13 -4.38 19.00
C SER A 1095 -31.53 -3.79 17.67
N LYS A 1096 -31.32 -4.53 16.58
CA LYS A 1096 -31.72 -3.97 15.29
C LYS A 1096 -33.23 -3.77 15.25
N ARG A 1097 -33.98 -4.72 15.82
CA ARG A 1097 -35.42 -4.55 15.83
C ARG A 1097 -35.81 -3.31 16.62
N THR A 1098 -35.15 -3.09 17.76
CA THR A 1098 -35.43 -1.92 18.58
C THR A 1098 -35.21 -0.65 17.79
N LEU A 1099 -34.07 -0.57 17.11
CA LEU A 1099 -33.75 0.62 16.33
C LEU A 1099 -34.77 0.83 15.21
N LEU A 1100 -35.14 -0.26 14.53
CA LEU A 1100 -36.11 -0.14 13.44
C LEU A 1100 -37.44 0.40 13.96
N TYR A 1101 -37.92 -0.13 15.07
CA TYR A 1101 -39.20 0.35 15.57
C TYR A 1101 -39.09 1.77 16.09
N SER A 1102 -37.92 2.17 16.57
CA SER A 1102 -37.70 3.57 16.87
C SER A 1102 -37.84 4.41 15.60
N ILE A 1103 -37.27 3.92 14.50
CA ILE A 1103 -37.41 4.62 13.22
C ILE A 1103 -38.88 4.75 12.86
N ASP A 1104 -39.65 3.69 13.12
CA ASP A 1104 -41.07 3.74 12.87
C ASP A 1104 -41.74 4.84 13.68
N VAL A 1105 -41.37 4.93 14.97
CA VAL A 1105 -41.90 6.00 15.82
C VAL A 1105 -41.62 7.34 15.18
N ILE A 1106 -40.36 7.55 14.76
CA ILE A 1106 -40.01 8.79 14.09
C ILE A 1106 -40.94 9.02 12.91
N ASN A 1107 -40.89 8.11 11.95
CA ASN A 1107 -41.72 8.20 10.75
C ASN A 1107 -43.13 8.64 11.09
N THR A 1108 -43.75 7.93 12.03
CA THR A 1108 -45.09 8.30 12.48
C THR A 1108 -45.15 9.77 12.86
N PHE A 1109 -44.32 10.18 13.82
CA PHE A 1109 -44.38 11.57 14.28
C PHE A 1109 -44.22 12.53 13.13
N GLU A 1110 -43.18 12.33 12.33
CA GLU A 1110 -42.94 13.17 11.16
C GLU A 1110 -44.21 13.29 10.34
N ASN A 1111 -44.87 12.16 10.10
CA ASN A 1111 -46.16 12.22 9.43
C ASN A 1111 -47.05 13.19 10.17
N ILE A 1112 -47.07 13.08 11.49
CA ILE A 1112 -48.02 13.82 12.32
C ILE A 1112 -47.70 15.30 12.21
N GLY A 1113 -48.50 15.99 11.41
CA GLY A 1113 -48.40 17.43 11.25
C GLY A 1113 -47.90 17.75 9.86
N LYS A 1114 -46.81 17.10 9.44
CA LYS A 1114 -46.26 17.40 8.13
C LYS A 1114 -47.11 16.78 7.03
N ASN A 1115 -47.22 15.45 7.03
CA ASN A 1115 -48.06 14.80 6.04
C ASN A 1115 -49.51 15.08 6.31
N ASN A 1116 -49.85 15.40 7.56
CA ASN A 1116 -51.20 15.85 7.87
C ASN A 1116 -51.53 17.12 7.12
N LYS A 1117 -50.60 18.08 7.08
CA LYS A 1117 -50.83 19.31 6.35
C LYS A 1117 -50.77 19.06 4.84
N ASN A 1118 -49.84 18.22 4.39
CA ASN A 1118 -49.71 17.96 2.97
C ASN A 1118 -50.98 17.32 2.41
N ASN A 1119 -51.44 16.25 3.03
CA ASN A 1119 -52.64 15.57 2.56
C ASN A 1119 -53.90 16.32 2.99
N VAL A 1120 -53.88 16.88 4.20
CA VAL A 1120 -55.03 17.61 4.74
C VAL A 1120 -54.60 19.05 5.02
N PRO A 1121 -54.77 19.98 4.06
CA PRO A 1121 -54.39 21.37 4.29
C PRO A 1121 -55.42 22.14 5.11
ZN ZN F . -32.27 26.58 -11.89
ZN ZN G . -12.62 39.07 -2.60
ZN ZN H . 9.08 33.57 -13.69
ZN ZN I . -43.87 17.21 22.06
#